data_5YVT
#
_entry.id   5YVT
#
_cell.length_a   118.027
_cell.length_b   118.027
_cell.length_c   142.109
_cell.angle_alpha   90.00
_cell.angle_beta   90.00
_cell.angle_gamma   120.00
#
_symmetry.space_group_name_H-M   'P 31 2 1'
#
loop_
_entity.id
_entity.type
_entity.pdbx_description
1 polymer 'Isocitrate dehydrogenase [NAD] subunit alpha, mitochondrial'
2 polymer 'Isocitrate dehydrogenase [NAD] subunit gamma, mitochondrial'
3 non-polymer 'MAGNESIUM ION'
4 non-polymer '1,4-DIHYDRONICOTINAMIDE ADENINE DINUCLEOTIDE'
5 water water
#
loop_
_entity_poly.entity_id
_entity_poly.type
_entity_poly.pdbx_seq_one_letter_code
_entity_poly.pdbx_strand_id
1 'polypeptide(L)'
;TGGVQTVTLIPGDGIGPEISAAVMKIFDAAKAPIQWEERNVTAIQGPGGKWMIPSEAKESMDKNKMGLKGPLKTPIAAGH
PSMNLLLRKTFDLYANVRPCVSIEGYKTPYTDVNIVTIRENTEGEYSGIEHVIVDGVVQSIKLITEGASKRIAEFAFEYA
RNNHRSNVTAVHKANIMRMSDGLFLQKCREVAESCKDIKFNEMYLDTVCLNMVQDPSQFDVLVMPNLYGDILSDLCAGLI
GGLGVTPSGNIGANGVAIFESVHGTAPDIAGKDMANPTALLLSAVMMLRHMGLFDHAARIEAACFATIKDGKSLTKDLGG
NAKCSDFTEEICRRVKDLD
;
A
2 'polypeptide(L)'
;FSEQTIPPSAKYGGRHTVTMIPGDGIGPELMLHVKSVFRHACVPVDFEEVHVSSNADEEDIRNAIMAIRRNRVALKGNIE
TNHNLPPSHKSRNNILRTSLDLYANVIHCKSLPGVVTRHKDIDILIVRENTEGEYSSLEHESVAGVVESLKIITKAKSLR
IAEYAFKLAQESGRKKVTAVHKANIMKLGDGLFLQCCREVAARYPQITFENMIVDNTTMQLVSRPQQFDVMVMPNLYGNI
VNNVCAGLVGGPGLVAGANYGHVYAVFETATRNTGKSIANKNIANPTATLLASCMMLDHLKLHSYATSIRKAVLASMDNE
NMHTPDIGGQGTTSEAIQDVIRHIRVINGRAVEA
;
B
#
loop_
_chem_comp.id
_chem_comp.type
_chem_comp.name
_chem_comp.formula
MG non-polymer 'MAGNESIUM ION' 'Mg 2'
NAI non-polymer '1,4-DIHYDRONICOTINAMIDE ADENINE DINUCLEOTIDE' 'C21 H29 N7 O14 P2'
#
# COMPACT_ATOMS: atom_id res chain seq x y z
N VAL A 4 -15.19 -37.03 -14.51
CA VAL A 4 -13.77 -36.55 -14.50
C VAL A 4 -13.59 -35.32 -15.42
N GLN A 5 -12.90 -34.30 -14.91
CA GLN A 5 -12.71 -33.05 -15.64
C GLN A 5 -11.23 -32.74 -15.91
N THR A 6 -10.97 -32.22 -17.10
CA THR A 6 -9.61 -31.91 -17.55
C THR A 6 -9.27 -30.46 -17.26
N VAL A 7 -8.17 -30.24 -16.53
CA VAL A 7 -7.62 -28.90 -16.35
C VAL A 7 -6.19 -28.83 -16.87
N THR A 8 -5.86 -27.70 -17.50
CA THR A 8 -4.53 -27.46 -18.04
C THR A 8 -3.56 -27.16 -16.90
N LEU A 9 -2.45 -27.89 -16.86
CA LEU A 9 -1.42 -27.68 -15.86
C LEU A 9 -0.16 -27.13 -16.53
N ILE A 10 0.22 -25.92 -16.10
CA ILE A 10 1.48 -25.31 -16.49
C ILE A 10 2.40 -25.43 -15.26
N PRO A 11 3.34 -26.40 -15.29
CA PRO A 11 4.20 -26.66 -14.12
C PRO A 11 5.15 -25.50 -13.84
N GLY A 12 5.58 -24.81 -14.88
CA GLY A 12 6.41 -23.62 -14.74
C GLY A 12 7.86 -23.91 -14.40
N ASP A 13 8.50 -22.92 -13.78
CA ASP A 13 9.95 -22.91 -13.57
C ASP A 13 10.34 -22.94 -12.09
N GLY A 14 11.61 -23.28 -11.84
CA GLY A 14 12.21 -23.30 -10.50
C GLY A 14 11.52 -24.32 -9.60
N ILE A 15 10.91 -23.81 -8.53
CA ILE A 15 10.17 -24.64 -7.57
C ILE A 15 8.85 -25.18 -8.15
N GLY A 16 8.42 -24.59 -9.28
CA GLY A 16 7.19 -24.93 -9.98
C GLY A 16 6.89 -26.40 -10.20
N PRO A 17 7.79 -27.14 -10.91
CA PRO A 17 7.60 -28.60 -11.10
C PRO A 17 7.46 -29.38 -9.79
N GLU A 18 8.22 -29.00 -8.75
CA GLU A 18 8.15 -29.64 -7.44
C GLU A 18 6.77 -29.44 -6.79
N ILE A 19 6.29 -28.20 -6.78
CA ILE A 19 5.00 -27.87 -6.14
C ILE A 19 3.78 -28.32 -6.96
N SER A 20 3.92 -28.35 -8.29
CA SER A 20 2.89 -28.89 -9.19
C SER A 20 2.66 -30.38 -8.93
N ALA A 21 3.76 -31.14 -8.85
CA ALA A 21 3.73 -32.57 -8.55
C ALA A 21 3.06 -32.82 -7.20
N ALA A 22 3.38 -31.97 -6.23
CA ALA A 22 2.80 -32.01 -4.89
C ALA A 22 1.27 -31.87 -4.92
N VAL A 23 0.77 -30.88 -5.67
CA VAL A 23 -0.67 -30.65 -5.83
C VAL A 23 -1.36 -31.83 -6.53
N MET A 24 -0.77 -32.33 -7.62
CA MET A 24 -1.25 -33.51 -8.35
C MET A 24 -1.44 -34.73 -7.43
N LYS A 25 -0.48 -34.92 -6.52
CA LYS A 25 -0.47 -36.00 -5.53
C LYS A 25 -1.61 -35.87 -4.50
N ILE A 26 -1.82 -34.66 -3.98
CA ILE A 26 -2.90 -34.37 -3.01
C ILE A 26 -4.27 -34.62 -3.63
N PHE A 27 -4.44 -34.18 -4.87
CA PHE A 27 -5.68 -34.34 -5.62
C PHE A 27 -6.00 -35.81 -5.89
N ASP A 28 -4.95 -36.57 -6.24
CA ASP A 28 -5.03 -38.02 -6.44
C ASP A 28 -5.46 -38.74 -5.15
N ALA A 29 -4.79 -38.40 -4.04
CA ALA A 29 -5.09 -38.96 -2.71
C ALA A 29 -6.50 -38.62 -2.20
N ALA A 30 -7.03 -37.46 -2.62
CA ALA A 30 -8.37 -37.00 -2.24
C ALA A 30 -9.47 -37.56 -3.14
N LYS A 31 -9.08 -38.31 -4.16
CA LYS A 31 -9.98 -38.87 -5.18
C LYS A 31 -10.79 -37.78 -5.90
N ALA A 32 -10.13 -36.68 -6.22
CA ALA A 32 -10.73 -35.54 -6.91
C ALA A 32 -10.92 -35.85 -8.40
N PRO A 33 -12.12 -35.53 -8.97
CA PRO A 33 -12.38 -35.81 -10.38
C PRO A 33 -11.67 -34.84 -11.34
N ILE A 34 -10.33 -34.78 -11.21
CA ILE A 34 -9.46 -33.90 -11.99
C ILE A 34 -8.41 -34.75 -12.70
N GLN A 35 -8.25 -34.53 -14.01
CA GLN A 35 -7.11 -35.04 -14.77
C GLN A 35 -6.29 -33.90 -15.39
N TRP A 36 -4.97 -34.04 -15.35
CA TRP A 36 -4.05 -32.97 -15.71
C TRP A 36 -3.54 -33.08 -17.15
N GLU A 37 -3.81 -32.04 -17.93
CA GLU A 37 -3.20 -31.84 -19.24
C GLU A 37 -1.97 -30.95 -19.08
N GLU A 38 -0.79 -31.56 -18.97
CA GLU A 38 0.47 -30.83 -18.86
C GLU A 38 0.76 -30.00 -20.12
N ARG A 39 1.04 -28.72 -19.91
CA ARG A 39 1.51 -27.83 -20.98
C ARG A 39 2.68 -26.99 -20.49
N ASN A 40 3.88 -27.32 -20.96
CA ASN A 40 5.08 -26.54 -20.68
C ASN A 40 5.19 -25.45 -21.74
N VAL A 41 4.87 -24.23 -21.31
CA VAL A 41 4.69 -23.09 -22.21
C VAL A 41 5.91 -22.16 -22.23
N THR A 42 6.51 -22.03 -23.43
CA THR A 42 7.63 -21.10 -23.67
C THR A 42 7.30 -20.22 -24.87
N ALA A 43 7.76 -18.98 -24.82
CA ALA A 43 7.40 -17.97 -25.82
C ALA A 43 8.06 -18.23 -27.18
N ILE A 44 7.26 -18.10 -28.25
CA ILE A 44 7.74 -18.25 -29.64
C ILE A 44 7.43 -16.99 -30.48
N GLN A 45 7.80 -17.03 -31.76
CA GLN A 45 7.43 -15.98 -32.73
C GLN A 45 6.61 -16.61 -33.86
N GLY A 46 5.41 -16.08 -34.08
CA GLY A 46 4.46 -16.63 -35.06
C GLY A 46 4.35 -15.81 -36.34
N PRO A 47 3.28 -14.98 -36.46
CA PRO A 47 3.14 -14.13 -37.66
C PRO A 47 4.05 -12.89 -37.56
N GLY A 48 5.09 -12.89 -38.37
CA GLY A 48 6.18 -11.90 -38.24
C GLY A 48 7.00 -12.19 -37.00
N GLY A 49 7.41 -11.11 -36.33
CA GLY A 49 8.17 -11.22 -35.07
C GLY A 49 7.34 -11.10 -33.81
N LYS A 50 6.02 -11.25 -33.94
CA LYS A 50 5.08 -11.11 -32.83
C LYS A 50 5.12 -12.30 -31.87
N TRP A 51 5.28 -12.01 -30.58
CA TRP A 51 5.32 -13.03 -29.54
C TRP A 51 3.93 -13.61 -29.23
N MET A 52 3.87 -14.93 -29.08
CA MET A 52 2.65 -15.66 -28.73
C MET A 52 2.96 -16.90 -27.90
N ILE A 53 1.93 -17.40 -27.20
CA ILE A 53 1.99 -18.73 -26.59
C ILE A 53 1.76 -19.79 -27.67
N PRO A 54 2.41 -20.97 -27.55
CA PRO A 54 2.19 -22.09 -28.50
C PRO A 54 0.73 -22.42 -28.69
N SER A 55 0.36 -22.74 -29.94
CA SER A 55 -1.01 -23.14 -30.28
C SER A 55 -1.48 -24.30 -29.39
N GLU A 56 -0.63 -25.31 -29.24
CA GLU A 56 -0.82 -26.46 -28.34
C GLU A 56 -1.37 -26.07 -26.95
N ALA A 57 -0.74 -25.05 -26.33
CA ALA A 57 -1.14 -24.54 -25.02
C ALA A 57 -2.41 -23.68 -25.06
N LYS A 58 -2.59 -22.92 -26.15
CA LYS A 58 -3.78 -22.10 -26.35
C LYS A 58 -5.03 -22.96 -26.61
N GLU A 59 -4.89 -23.95 -27.50
CA GLU A 59 -5.97 -24.92 -27.82
C GLU A 59 -6.47 -25.58 -26.54
N SER A 60 -5.51 -26.01 -25.71
CA SER A 60 -5.78 -26.69 -24.44
C SER A 60 -6.60 -25.84 -23.47
N MET A 61 -6.13 -24.62 -23.23
CA MET A 61 -6.79 -23.71 -22.29
C MET A 61 -8.16 -23.23 -22.78
N ASP A 62 -8.28 -22.97 -24.10
CA ASP A 62 -9.57 -22.58 -24.69
C ASP A 62 -10.63 -23.68 -24.56
N LYS A 63 -10.19 -24.94 -24.65
CA LYS A 63 -11.04 -26.11 -24.50
C LYS A 63 -11.39 -26.37 -23.03
N ASN A 64 -10.36 -26.57 -22.21
CA ASN A 64 -10.52 -26.97 -20.80
C ASN A 64 -11.05 -25.85 -19.89
N LYS A 65 -10.76 -24.60 -20.26
CA LYS A 65 -11.15 -23.37 -19.54
C LYS A 65 -10.46 -23.14 -18.18
N MET A 66 -10.18 -24.23 -17.46
CA MET A 66 -9.54 -24.17 -16.15
C MET A 66 -8.05 -24.48 -16.25
N GLY A 67 -7.24 -23.63 -15.61
CA GLY A 67 -5.79 -23.77 -15.60
C GLY A 67 -5.18 -23.64 -14.21
N LEU A 68 -4.16 -24.46 -13.94
CA LEU A 68 -3.36 -24.33 -12.72
C LEU A 68 -1.91 -24.10 -13.13
N LYS A 69 -1.32 -23.04 -12.56
CA LYS A 69 -0.06 -22.52 -13.04
C LYS A 69 0.95 -22.33 -11.92
N GLY A 70 2.12 -22.94 -12.09
CA GLY A 70 3.28 -22.65 -11.25
C GLY A 70 3.91 -21.31 -11.62
N PRO A 71 4.92 -20.86 -10.85
CA PRO A 71 5.60 -19.60 -11.19
C PRO A 71 6.43 -19.69 -12.47
N LEU A 72 6.48 -18.58 -13.20
CA LEU A 72 7.23 -18.47 -14.47
C LEU A 72 8.27 -17.35 -14.41
N LYS A 73 9.39 -17.58 -15.10
CA LYS A 73 10.50 -16.61 -15.19
C LYS A 73 10.17 -15.34 -15.97
N THR A 74 10.87 -14.25 -15.66
CA THR A 74 10.96 -13.08 -16.54
C THR A 74 12.04 -13.39 -17.59
N PRO A 75 11.83 -12.97 -18.86
CA PRO A 75 12.89 -13.11 -19.88
C PRO A 75 14.15 -12.29 -19.56
N ILE A 76 15.30 -12.81 -19.99
CA ILE A 76 16.59 -12.14 -19.77
C ILE A 76 16.73 -10.87 -20.63
N ALA A 77 16.45 -11.00 -21.93
CA ALA A 77 16.52 -9.89 -22.88
C ALA A 77 15.13 -9.36 -23.27
N ALA A 78 15.01 -8.04 -23.41
CA ALA A 78 13.75 -7.37 -23.77
C ALA A 78 13.45 -7.54 -25.26
N PRO A 81 9.16 -9.59 -23.10
CA PRO A 81 7.80 -10.10 -23.27
C PRO A 81 7.56 -11.36 -22.44
N SER A 82 7.15 -11.16 -21.18
CA SER A 82 6.99 -12.25 -20.21
C SER A 82 5.80 -13.17 -20.51
N MET A 83 5.93 -14.41 -20.08
CA MET A 83 4.90 -15.45 -20.25
C MET A 83 3.60 -15.08 -19.53
N ASN A 84 3.72 -14.51 -18.34
CA ASN A 84 2.57 -14.00 -17.57
C ASN A 84 1.79 -12.92 -18.31
N LEU A 85 2.51 -12.02 -19.00
CA LEU A 85 1.91 -10.99 -19.86
C LEU A 85 1.19 -11.62 -21.05
N LEU A 86 1.83 -12.61 -21.68
CA LEU A 86 1.25 -13.31 -22.83
C LEU A 86 -0.03 -14.06 -22.48
N LEU A 87 -0.02 -14.78 -21.36
CA LEU A 87 -1.20 -15.48 -20.85
C LEU A 87 -2.33 -14.50 -20.52
N ARG A 88 -1.94 -13.37 -19.93
CA ARG A 88 -2.85 -12.30 -19.55
C ARG A 88 -3.58 -11.71 -20.77
N LYS A 89 -2.84 -11.42 -21.84
CA LYS A 89 -3.42 -10.86 -23.06
C LYS A 89 -4.17 -11.86 -23.95
N THR A 90 -3.69 -13.11 -24.00
CA THR A 90 -4.30 -14.18 -24.82
C THR A 90 -5.71 -14.55 -24.34
N PHE A 91 -5.88 -14.70 -23.03
CA PHE A 91 -7.16 -15.15 -22.47
C PHE A 91 -7.98 -14.02 -21.87
N ASP A 92 -7.44 -12.80 -21.95
CA ASP A 92 -8.07 -11.58 -21.42
C ASP A 92 -8.41 -11.74 -19.93
N LEU A 93 -7.38 -12.04 -19.13
CA LEU A 93 -7.53 -12.21 -17.69
C LEU A 93 -7.71 -10.82 -17.04
N TYR A 94 -8.97 -10.45 -16.83
CA TYR A 94 -9.34 -9.09 -16.42
C TYR A 94 -9.54 -8.90 -14.93
N ALA A 95 -9.68 -10.01 -14.20
CA ALA A 95 -9.96 -9.98 -12.77
C ALA A 95 -8.99 -10.86 -12.00
N ASN A 96 -8.18 -10.22 -11.16
CA ASN A 96 -7.29 -10.92 -10.24
C ASN A 96 -7.96 -11.00 -8.87
N VAL A 97 -8.07 -12.22 -8.36
CA VAL A 97 -8.74 -12.49 -7.08
C VAL A 97 -7.70 -13.05 -6.12
N ARG A 98 -7.55 -12.38 -4.97
CA ARG A 98 -6.60 -12.83 -3.95
C ARG A 98 -7.21 -12.86 -2.55
N PRO A 99 -7.72 -14.06 -2.15
CA PRO A 99 -8.25 -14.22 -0.79
C PRO A 99 -7.14 -14.32 0.23
N CYS A 100 -7.29 -13.56 1.32
CA CYS A 100 -6.36 -13.60 2.44
C CYS A 100 -7.10 -13.95 3.72
N VAL A 101 -6.82 -15.16 4.21
CA VAL A 101 -7.42 -15.69 5.43
C VAL A 101 -6.29 -16.15 6.35
N SER A 102 -6.35 -15.71 7.61
CA SER A 102 -5.44 -16.18 8.66
C SER A 102 -5.49 -17.71 8.79
N ILE A 103 -4.32 -18.30 9.03
CA ILE A 103 -4.20 -19.76 9.17
C ILE A 103 -4.01 -20.09 10.65
N GLU A 104 -4.98 -20.84 11.20
CA GLU A 104 -5.06 -21.13 12.65
C GLU A 104 -3.76 -21.65 13.28
N GLY A 105 -3.05 -22.50 12.54
CA GLY A 105 -1.76 -23.03 13.00
C GLY A 105 -0.62 -22.04 12.98
N TYR A 106 -0.55 -21.24 11.92
CA TYR A 106 0.55 -20.28 11.71
C TYR A 106 0.21 -18.89 12.26
N LYS A 107 0.77 -18.59 13.43
CA LYS A 107 0.47 -17.35 14.15
C LYS A 107 1.32 -16.17 13.66
N THR A 108 0.62 -15.12 13.21
CA THR A 108 1.22 -13.80 12.93
C THR A 108 0.58 -12.82 13.94
N PRO A 109 1.00 -11.53 13.96
CA PRO A 109 0.26 -10.57 14.81
C PRO A 109 -1.16 -10.23 14.34
N TYR A 110 -1.60 -10.85 13.24
CA TYR A 110 -2.94 -10.62 12.66
C TYR A 110 -3.66 -11.96 12.50
N THR A 111 -4.66 -12.18 13.34
CA THR A 111 -5.35 -13.48 13.46
C THR A 111 -6.79 -13.45 12.93
N ASP A 112 -7.28 -12.24 12.68
CA ASP A 112 -8.70 -11.99 12.39
C ASP A 112 -8.99 -11.65 10.92
N VAL A 113 -8.04 -12.00 10.03
CA VAL A 113 -8.06 -11.57 8.63
C VAL A 113 -8.92 -12.49 7.76
N ASN A 114 -9.91 -11.90 7.11
CA ASN A 114 -10.66 -12.57 6.04
C ASN A 114 -11.02 -11.55 4.96
N ILE A 115 -10.07 -11.36 4.03
CA ILE A 115 -10.17 -10.32 3.01
C ILE A 115 -10.03 -10.94 1.63
N VAL A 116 -10.88 -10.50 0.70
CA VAL A 116 -10.69 -10.81 -0.72
C VAL A 116 -10.40 -9.50 -1.44
N THR A 117 -9.21 -9.42 -2.04
CA THR A 117 -8.90 -8.30 -2.93
C THR A 117 -9.25 -8.71 -4.35
N ILE A 118 -9.96 -7.82 -5.04
CA ILE A 118 -10.29 -8.00 -6.45
C ILE A 118 -9.70 -6.80 -7.20
N ARG A 119 -8.79 -7.10 -8.12
CA ARG A 119 -8.05 -6.06 -8.81
C ARG A 119 -8.25 -6.17 -10.32
N GLU A 120 -8.53 -5.02 -10.95
CA GLU A 120 -8.58 -4.94 -12.41
C GLU A 120 -7.21 -5.35 -12.94
N ASN A 121 -7.20 -6.19 -13.95
CA ASN A 121 -5.97 -6.86 -14.37
C ASN A 121 -5.54 -6.62 -15.83
N THR A 122 -6.14 -5.65 -16.52
CA THR A 122 -5.76 -5.36 -17.93
C THR A 122 -5.12 -3.99 -18.17
N GLU A 123 -5.38 -3.03 -17.29
CA GLU A 123 -4.95 -1.64 -17.50
C GLU A 123 -4.01 -1.15 -16.40
N GLY A 124 -4.02 0.16 -16.16
CA GLY A 124 -3.20 0.81 -15.13
C GLY A 124 -1.73 0.64 -15.40
N GLU A 125 -1.06 -0.07 -14.49
CA GLU A 125 0.35 -0.44 -14.64
C GLU A 125 0.67 -1.23 -15.90
N TYR A 126 -0.29 -2.04 -16.35
CA TYR A 126 -0.11 -2.92 -17.51
C TYR A 126 -0.31 -2.23 -18.88
N SER A 127 -1.04 -1.13 -18.90
CA SER A 127 -1.28 -0.35 -20.12
C SER A 127 -0.15 0.67 -20.37
N GLY A 128 0.81 0.69 -19.45
CA GLY A 128 1.85 1.71 -19.40
C GLY A 128 2.81 1.81 -20.57
N ILE A 129 3.22 3.03 -20.84
CA ILE A 129 4.45 3.30 -21.56
C ILE A 129 5.25 4.31 -20.75
N GLU A 130 6.55 4.03 -20.60
CA GLU A 130 7.52 4.99 -20.11
C GLU A 130 8.31 5.47 -21.31
N HIS A 131 8.75 6.71 -21.27
CA HIS A 131 9.68 7.23 -22.28
C HIS A 131 10.44 8.45 -21.75
N VAL A 132 11.58 8.72 -22.38
CA VAL A 132 12.42 9.86 -22.05
C VAL A 132 11.93 11.09 -22.85
N ILE A 133 11.57 12.14 -22.12
CA ILE A 133 11.11 13.41 -22.71
C ILE A 133 12.30 14.18 -23.23
N VAL A 134 13.18 14.56 -22.31
CA VAL A 134 14.47 15.18 -22.58
C VAL A 134 15.37 14.54 -21.52
N ASP A 135 16.69 14.74 -21.63
CA ASP A 135 17.63 14.06 -20.73
C ASP A 135 17.32 14.32 -19.26
N GLY A 136 17.16 13.24 -18.50
CA GLY A 136 16.80 13.30 -17.08
C GLY A 136 15.37 13.69 -16.76
N VAL A 137 14.47 13.49 -17.72
CA VAL A 137 13.03 13.71 -17.52
C VAL A 137 12.29 12.51 -18.12
N VAL A 138 11.66 11.71 -17.25
CA VAL A 138 10.95 10.50 -17.66
C VAL A 138 9.45 10.66 -17.44
N GLN A 139 8.67 10.40 -18.49
CA GLN A 139 7.21 10.44 -18.40
C GLN A 139 6.65 9.03 -18.49
N SER A 140 5.74 8.70 -17.57
CA SER A 140 4.94 7.48 -17.69
C SER A 140 3.52 7.81 -18.08
N ILE A 141 2.94 6.94 -18.91
CA ILE A 141 1.60 7.12 -19.44
C ILE A 141 0.78 5.89 -19.04
N LYS A 142 -0.31 6.10 -18.31
CA LYS A 142 -1.21 5.03 -17.88
C LYS A 142 -2.65 5.29 -18.30
N LEU A 143 -3.41 4.21 -18.46
CA LEU A 143 -4.78 4.28 -18.97
C LEU A 143 -5.80 3.55 -18.11
N ILE A 144 -6.99 4.13 -18.03
CA ILE A 144 -8.16 3.58 -17.36
C ILE A 144 -9.31 3.79 -18.34
N THR A 145 -10.13 2.76 -18.53
CA THR A 145 -11.32 2.87 -19.39
C THR A 145 -12.64 2.60 -18.65
N GLU A 146 -13.72 3.14 -19.23
CA GLU A 146 -15.09 2.94 -18.76
C GLU A 146 -15.49 1.46 -18.76
N GLY A 147 -15.23 0.78 -19.87
CA GLY A 147 -15.56 -0.63 -20.07
C GLY A 147 -14.92 -1.58 -19.06
N ALA A 148 -13.60 -1.43 -18.87
CA ALA A 148 -12.85 -2.25 -17.94
C ALA A 148 -13.21 -1.98 -16.47
N SER A 149 -13.47 -0.72 -16.13
CA SER A 149 -13.92 -0.34 -14.80
C SER A 149 -15.30 -0.95 -14.48
N LYS A 150 -16.20 -0.87 -15.46
CA LYS A 150 -17.54 -1.48 -15.37
C LYS A 150 -17.46 -2.99 -15.21
N ARG A 151 -16.58 -3.62 -15.98
CA ARG A 151 -16.42 -5.09 -15.96
C ARG A 151 -15.90 -5.60 -14.62
N ILE A 152 -14.89 -4.93 -14.06
CA ILE A 152 -14.34 -5.32 -12.75
C ILE A 152 -15.32 -5.08 -11.59
N ALA A 153 -16.10 -4.00 -11.67
CA ALA A 153 -17.11 -3.67 -10.66
C ALA A 153 -18.22 -4.72 -10.65
N GLU A 154 -18.72 -5.05 -11.85
CA GLU A 154 -19.70 -6.12 -12.04
C GLU A 154 -19.21 -7.45 -11.47
N PHE A 155 -17.95 -7.79 -11.78
CA PHE A 155 -17.32 -9.01 -11.26
C PHE A 155 -17.23 -9.05 -9.73
N ALA A 156 -16.82 -7.92 -9.12
CA ALA A 156 -16.63 -7.85 -7.67
C ALA A 156 -17.92 -8.14 -6.89
N PHE A 157 -19.04 -7.58 -7.37
CA PHE A 157 -20.35 -7.78 -6.77
C PHE A 157 -20.91 -9.18 -7.06
N GLU A 158 -20.60 -9.70 -8.24
CA GLU A 158 -20.94 -11.09 -8.61
C GLU A 158 -20.19 -12.08 -7.70
N TYR A 159 -18.90 -11.83 -7.47
CA TYR A 159 -18.08 -12.64 -6.57
C TYR A 159 -18.60 -12.57 -5.13
N ALA A 160 -19.01 -11.39 -4.71
CA ALA A 160 -19.56 -11.16 -3.36
C ALA A 160 -20.80 -12.01 -3.08
N ARG A 161 -21.69 -12.10 -4.08
CA ARG A 161 -22.87 -12.96 -4.02
C ARG A 161 -22.51 -14.44 -3.97
N ASN A 162 -21.78 -14.90 -4.99
CA ASN A 162 -21.41 -16.32 -5.16
C ASN A 162 -20.48 -16.88 -4.06
N ASN A 163 -19.98 -16.03 -3.19
CA ASN A 163 -19.08 -16.45 -2.11
C ASN A 163 -19.53 -16.01 -0.71
N HIS A 164 -20.81 -15.62 -0.61
CA HIS A 164 -21.45 -15.20 0.67
C HIS A 164 -20.67 -14.11 1.40
N ARG A 165 -20.37 -13.03 0.67
CA ARG A 165 -19.68 -11.87 1.22
C ARG A 165 -20.67 -10.71 1.31
N SER A 166 -20.60 -9.95 2.40
CA SER A 166 -21.61 -8.91 2.67
C SER A 166 -21.20 -7.48 2.29
N ASN A 167 -19.90 -7.20 2.26
CA ASN A 167 -19.39 -5.84 1.99
C ASN A 167 -18.37 -5.76 0.85
N VAL A 168 -18.57 -4.78 -0.03
CA VAL A 168 -17.61 -4.46 -1.09
C VAL A 168 -17.17 -3.00 -0.90
N THR A 169 -15.86 -2.83 -0.66
CA THR A 169 -15.23 -1.52 -0.53
C THR A 169 -14.43 -1.20 -1.79
N ALA A 170 -14.77 -0.08 -2.44
CA ALA A 170 -13.99 0.45 -3.55
C ALA A 170 -12.84 1.29 -3.02
N VAL A 171 -11.64 0.99 -3.51
CA VAL A 171 -10.41 1.63 -3.04
C VAL A 171 -9.87 2.56 -4.13
N HIS A 172 -9.63 3.81 -3.77
CA HIS A 172 -9.31 4.86 -4.74
C HIS A 172 -8.29 5.88 -4.19
N LYS A 173 -7.71 6.66 -5.10
CA LYS A 173 -7.02 7.90 -4.77
C LYS A 173 -7.61 9.05 -5.60
N ALA A 174 -8.93 9.24 -5.48
CA ALA A 174 -9.67 10.23 -6.27
C ALA A 174 -9.35 11.70 -5.94
N ASN A 175 -8.60 11.94 -4.85
CA ASN A 175 -8.07 13.27 -4.55
C ASN A 175 -6.99 13.68 -5.56
N ILE A 176 -6.06 12.76 -5.86
CA ILE A 176 -5.02 12.96 -6.88
C ILE A 176 -5.62 12.66 -8.25
N MET A 177 -6.11 11.43 -8.42
CA MET A 177 -6.52 10.89 -9.72
C MET A 177 -8.01 11.12 -9.93
N ARG A 178 -8.40 12.39 -9.98
CA ARG A 178 -9.80 12.82 -10.04
C ARG A 178 -10.57 12.22 -11.21
N MET A 179 -9.96 12.25 -12.39
CA MET A 179 -10.63 11.80 -13.61
C MET A 179 -10.67 10.27 -13.70
N SER A 180 -9.54 9.61 -13.47
CA SER A 180 -9.46 8.15 -13.59
C SER A 180 -10.12 7.37 -12.45
N ASP A 181 -9.83 7.74 -11.21
CA ASP A 181 -10.52 7.11 -10.07
C ASP A 181 -11.97 7.54 -9.95
N GLY A 182 -12.25 8.80 -10.32
CA GLY A 182 -13.63 9.29 -10.48
C GLY A 182 -14.45 8.43 -11.43
N LEU A 183 -13.86 8.05 -12.56
CA LEU A 183 -14.50 7.13 -13.51
C LEU A 183 -14.69 5.73 -12.91
N PHE A 184 -13.69 5.25 -12.17
CA PHE A 184 -13.76 3.97 -11.47
C PHE A 184 -14.90 3.95 -10.45
N LEU A 185 -14.94 4.96 -9.58
CA LEU A 185 -16.01 5.09 -8.57
C LEU A 185 -17.40 5.22 -9.19
N GLN A 186 -17.51 6.02 -10.25
CA GLN A 186 -18.76 6.19 -11.02
C GLN A 186 -19.34 4.83 -11.44
N LYS A 187 -18.49 3.97 -12.00
CA LYS A 187 -18.89 2.65 -12.49
C LYS A 187 -19.18 1.65 -11.36
N CYS A 188 -18.45 1.77 -10.25
CA CYS A 188 -18.72 0.99 -9.04
C CYS A 188 -20.07 1.36 -8.43
N ARG A 189 -20.37 2.66 -8.43
CA ARG A 189 -21.64 3.19 -7.90
C ARG A 189 -22.87 2.72 -8.70
N GLU A 190 -22.70 2.61 -10.03
CA GLU A 190 -23.76 2.11 -10.94
C GLU A 190 -24.12 0.66 -10.63
N VAL A 191 -23.10 -0.17 -10.45
CA VAL A 191 -23.26 -1.60 -10.16
C VAL A 191 -23.87 -1.80 -8.76
N ALA A 192 -23.47 -0.95 -7.81
CA ALA A 192 -24.00 -0.96 -6.44
C ALA A 192 -25.51 -0.74 -6.35
N GLU A 193 -26.06 0.02 -7.30
CA GLU A 193 -27.51 0.28 -7.39
C GLU A 193 -28.31 -0.98 -7.73
N SER A 194 -27.75 -1.81 -8.60
CA SER A 194 -28.35 -3.11 -8.97
C SER A 194 -28.28 -4.12 -7.82
N CYS A 195 -27.14 -4.16 -7.13
CA CYS A 195 -26.87 -5.17 -6.10
C CYS A 195 -26.96 -4.58 -4.69
N LYS A 196 -28.16 -4.16 -4.31
CA LYS A 196 -28.42 -3.55 -2.99
C LYS A 196 -28.33 -4.53 -1.82
N ASP A 197 -28.34 -5.82 -2.13
CA ASP A 197 -28.10 -6.90 -1.15
C ASP A 197 -26.65 -6.94 -0.62
N ILE A 198 -25.74 -6.27 -1.33
CA ILE A 198 -24.35 -6.09 -0.92
C ILE A 198 -24.15 -4.64 -0.46
N LYS A 199 -23.61 -4.46 0.74
CA LYS A 199 -23.29 -3.13 1.26
C LYS A 199 -22.05 -2.57 0.54
N PHE A 200 -22.17 -1.34 0.04
CA PHE A 200 -21.11 -0.69 -0.71
C PHE A 200 -20.61 0.57 -0.01
N ASN A 201 -19.29 0.72 0.05
CA ASN A 201 -18.65 1.96 0.52
C ASN A 201 -17.37 2.28 -0.26
N GLU A 202 -16.90 3.52 -0.11
CA GLU A 202 -15.68 3.99 -0.76
C GLU A 202 -14.67 4.47 0.26
N MET A 203 -13.41 4.12 0.05
CA MET A 203 -12.34 4.49 0.96
C MET A 203 -11.08 4.88 0.20
N TYR A 204 -10.40 5.90 0.70
CA TYR A 204 -9.07 6.29 0.23
C TYR A 204 -8.07 5.16 0.47
N LEU A 205 -7.22 4.91 -0.53
CA LEU A 205 -6.19 3.88 -0.46
C LEU A 205 -5.31 4.03 0.79
N ASP A 206 -4.87 5.26 1.05
CA ASP A 206 -4.04 5.53 2.23
C ASP A 206 -4.77 5.30 3.56
N THR A 207 -6.09 5.53 3.58
CA THR A 207 -6.93 5.22 4.75
C THR A 207 -7.14 3.70 4.91
N VAL A 208 -7.34 2.98 3.81
CA VAL A 208 -7.40 1.51 3.81
C VAL A 208 -6.13 0.94 4.46
N CYS A 209 -4.97 1.41 4.01
CA CYS A 209 -3.68 0.96 4.52
C CYS A 209 -3.46 1.28 5.99
N LEU A 210 -3.86 2.49 6.39
CA LEU A 210 -3.79 2.96 7.77
C LEU A 210 -4.61 2.07 8.71
N ASN A 211 -5.80 1.67 8.26
CA ASN A 211 -6.73 0.87 9.06
C ASN A 211 -6.44 -0.62 9.02
N MET A 212 -6.10 -1.14 7.83
CA MET A 212 -5.71 -2.54 7.59
C MET A 212 -4.71 -3.05 8.62
N VAL A 213 -3.70 -2.23 8.86
CA VAL A 213 -2.59 -2.50 9.74
C VAL A 213 -3.00 -2.43 11.23
N GLN A 214 -4.07 -1.68 11.51
CA GLN A 214 -4.61 -1.54 12.86
C GLN A 214 -5.69 -2.58 13.19
N ASP A 215 -6.55 -2.88 12.21
CA ASP A 215 -7.65 -3.80 12.39
C ASP A 215 -8.16 -4.33 11.03
N PRO A 216 -7.59 -5.45 10.54
CA PRO A 216 -7.99 -5.99 9.24
C PRO A 216 -9.40 -6.59 9.23
N SER A 217 -9.97 -6.83 10.40
CA SER A 217 -11.30 -7.45 10.56
C SER A 217 -12.44 -6.66 9.92
N GLN A 218 -12.31 -5.32 9.87
CA GLN A 218 -13.34 -4.47 9.27
C GLN A 218 -13.54 -4.69 7.75
N PHE A 219 -12.51 -5.21 7.08
CA PHE A 219 -12.53 -5.34 5.62
C PHE A 219 -12.99 -6.72 5.15
N ASP A 220 -13.80 -6.69 4.08
CA ASP A 220 -14.39 -7.88 3.49
C ASP A 220 -13.86 -8.03 2.06
N VAL A 221 -14.59 -7.52 1.08
CA VAL A 221 -14.16 -7.52 -0.31
C VAL A 221 -13.66 -6.13 -0.67
N LEU A 222 -12.43 -6.07 -1.21
CA LEU A 222 -11.85 -4.83 -1.70
C LEU A 222 -11.75 -4.90 -3.21
N VAL A 223 -12.31 -3.89 -3.89
CA VAL A 223 -12.19 -3.74 -5.34
C VAL A 223 -11.40 -2.47 -5.69
N MET A 224 -10.49 -2.60 -6.64
CA MET A 224 -9.57 -1.52 -7.02
C MET A 224 -9.13 -1.61 -8.47
N PRO A 225 -8.78 -0.46 -9.09
CA PRO A 225 -8.13 -0.52 -10.40
C PRO A 225 -6.64 -0.90 -10.27
N ASN A 226 -5.91 -0.88 -11.37
CA ASN A 226 -4.53 -1.37 -11.44
C ASN A 226 -3.48 -0.26 -11.53
N LEU A 227 -3.85 0.96 -11.15
CA LEU A 227 -2.93 2.11 -11.21
C LEU A 227 -1.70 1.97 -10.32
N TYR A 228 -1.83 1.20 -9.24
CA TYR A 228 -0.74 0.97 -8.29
C TYR A 228 -0.24 -0.47 -8.24
N GLY A 229 -0.62 -1.27 -9.23
CA GLY A 229 -0.33 -2.71 -9.21
C GLY A 229 -1.01 -3.41 -8.03
N ASP A 230 -0.37 -4.44 -7.52
CA ASP A 230 -0.97 -5.32 -6.50
C ASP A 230 -0.42 -5.10 -5.08
N ILE A 231 0.08 -3.90 -4.82
CA ILE A 231 0.69 -3.53 -3.53
C ILE A 231 -0.24 -3.76 -2.32
N LEU A 232 -1.52 -3.43 -2.46
CA LEU A 232 -2.48 -3.62 -1.38
C LEU A 232 -2.70 -5.11 -1.06
N SER A 233 -2.83 -5.93 -2.11
CA SER A 233 -2.87 -7.40 -2.00
C SER A 233 -1.64 -7.98 -1.30
N ASP A 234 -0.47 -7.38 -1.53
CA ASP A 234 0.77 -7.82 -0.93
C ASP A 234 0.81 -7.48 0.55
N LEU A 235 0.29 -6.30 0.91
CA LEU A 235 0.09 -5.91 2.30
C LEU A 235 -0.77 -6.94 3.03
N CYS A 236 -1.90 -7.30 2.43
CA CYS A 236 -2.83 -8.29 3.00
C CYS A 236 -2.19 -9.66 3.17
N ALA A 237 -1.40 -10.06 2.17
CA ALA A 237 -0.60 -11.29 2.19
C ALA A 237 0.39 -11.30 3.35
N GLY A 238 1.05 -10.15 3.57
CA GLY A 238 1.98 -9.98 4.69
C GLY A 238 1.34 -10.15 6.05
N LEU A 239 0.04 -9.89 6.16
CA LEU A 239 -0.69 -10.03 7.41
C LEU A 239 -0.87 -11.49 7.86
N ILE A 240 -0.88 -12.42 6.90
CA ILE A 240 -1.25 -13.83 7.16
C ILE A 240 -0.11 -14.85 7.02
N GLY A 241 1.08 -14.38 6.67
CA GLY A 241 2.26 -15.23 6.60
C GLY A 241 3.13 -15.12 5.36
N GLY A 242 2.68 -14.33 4.38
CA GLY A 242 3.49 -14.06 3.21
C GLY A 242 3.17 -14.88 1.98
N LEU A 243 4.10 -14.84 1.02
CA LEU A 243 3.88 -15.37 -0.33
C LEU A 243 3.77 -16.89 -0.43
N GLY A 244 4.33 -17.59 0.56
CA GLY A 244 4.32 -19.05 0.62
C GLY A 244 2.96 -19.69 0.87
N VAL A 245 2.00 -18.89 1.34
CA VAL A 245 0.68 -19.38 1.72
C VAL A 245 -0.52 -18.73 1.00
N THR A 246 -0.26 -17.71 0.18
CA THR A 246 -1.35 -16.93 -0.40
C THR A 246 -1.74 -17.42 -1.80
N PRO A 247 -3.04 -17.76 -1.99
CA PRO A 247 -3.55 -18.20 -3.28
C PRO A 247 -3.98 -17.04 -4.18
N SER A 248 -4.14 -17.33 -5.47
CA SER A 248 -4.55 -16.33 -6.46
C SER A 248 -5.28 -16.97 -7.64
N GLY A 249 -6.23 -16.22 -8.19
CA GLY A 249 -6.95 -16.62 -9.38
C GLY A 249 -7.10 -15.47 -10.36
N ASN A 250 -6.93 -15.78 -11.65
CA ASN A 250 -7.15 -14.81 -12.72
C ASN A 250 -8.29 -15.29 -13.60
N ILE A 251 -9.38 -14.53 -13.57
CA ILE A 251 -10.60 -14.86 -14.32
C ILE A 251 -10.68 -14.01 -15.58
N GLY A 252 -10.91 -14.66 -16.71
CA GLY A 252 -10.90 -14.01 -18.01
C GLY A 252 -12.15 -14.13 -18.88
N ALA A 253 -11.94 -13.95 -20.19
CA ALA A 253 -12.99 -14.09 -21.19
C ALA A 253 -13.21 -15.55 -21.55
N ASN A 254 -14.42 -15.85 -22.04
CA ASN A 254 -14.83 -17.19 -22.49
C ASN A 254 -14.65 -18.28 -21.42
N GLY A 255 -15.10 -17.98 -20.20
CA GLY A 255 -15.07 -18.93 -19.07
C GLY A 255 -13.70 -19.34 -18.54
N VAL A 256 -12.63 -18.81 -19.14
CA VAL A 256 -11.26 -19.13 -18.77
C VAL A 256 -10.92 -18.58 -17.38
N ALA A 257 -10.34 -19.44 -16.55
CA ALA A 257 -9.79 -19.04 -15.26
C ALA A 257 -8.49 -19.80 -15.00
N ILE A 258 -7.42 -19.05 -14.73
CA ILE A 258 -6.10 -19.63 -14.43
C ILE A 258 -5.75 -19.31 -12.98
N PHE A 259 -5.43 -20.36 -12.23
CA PHE A 259 -5.11 -20.23 -10.82
C PHE A 259 -3.63 -20.47 -10.59
N GLU A 260 -3.07 -19.71 -9.66
CA GLU A 260 -1.62 -19.62 -9.52
C GLU A 260 -1.22 -19.13 -8.14
N SER A 261 0.03 -19.38 -7.79
CA SER A 261 0.66 -18.78 -6.64
C SER A 261 1.24 -17.42 -7.02
N VAL A 262 1.07 -16.43 -6.14
CA VAL A 262 1.58 -15.07 -6.36
C VAL A 262 3.10 -14.97 -6.15
N HIS A 263 3.69 -16.01 -5.57
CA HIS A 263 5.13 -16.07 -5.36
C HIS A 263 5.89 -16.41 -6.64
N GLY A 264 7.19 -16.13 -6.65
CA GLY A 264 8.05 -16.35 -7.80
C GLY A 264 8.65 -17.73 -7.86
N THR A 265 9.57 -17.91 -8.80
CA THR A 265 10.21 -19.21 -9.09
C THR A 265 11.12 -19.69 -7.97
N ALA A 266 11.56 -18.76 -7.13
CA ALA A 266 12.51 -18.98 -6.03
C ALA A 266 13.75 -19.79 -6.47
N PRO A 267 14.65 -19.17 -7.26
CA PRO A 267 15.79 -19.89 -7.86
C PRO A 267 16.87 -20.32 -6.85
N ASP A 268 17.01 -19.52 -5.77
CA ASP A 268 17.95 -19.82 -4.67
C ASP A 268 17.62 -21.12 -3.93
N ILE A 269 16.34 -21.39 -3.73
CA ILE A 269 15.86 -22.63 -3.09
C ILE A 269 15.23 -23.63 -4.08
N ALA A 270 15.43 -23.36 -5.38
CA ALA A 270 14.93 -24.24 -6.46
C ALA A 270 15.48 -25.67 -6.41
N GLY A 271 16.59 -25.84 -5.69
CA GLY A 271 17.15 -27.16 -5.39
C GLY A 271 16.13 -28.06 -4.70
N LYS A 272 16.20 -29.35 -5.04
CA LYS A 272 15.23 -30.38 -4.63
C LYS A 272 14.69 -30.29 -3.21
N ASP A 273 13.36 -30.40 -3.09
CA ASP A 273 12.65 -30.69 -1.84
C ASP A 273 12.85 -29.66 -0.71
N MET A 274 12.23 -28.49 -0.86
CA MET A 274 12.35 -27.39 0.13
C MET A 274 11.15 -26.45 0.14
N ALA A 275 10.56 -26.22 -1.04
CA ALA A 275 9.50 -25.23 -1.24
C ALA A 275 8.17 -25.58 -0.59
N ASN A 276 7.46 -24.55 -0.13
CA ASN A 276 6.13 -24.69 0.45
C ASN A 276 5.09 -24.75 -0.68
N PRO A 277 4.34 -25.88 -0.78
CA PRO A 277 3.30 -25.99 -1.81
C PRO A 277 1.92 -25.49 -1.40
N THR A 278 1.80 -24.93 -0.19
CA THR A 278 0.52 -24.43 0.35
C THR A 278 -0.16 -23.47 -0.63
N ALA A 279 0.59 -22.45 -1.09
CA ALA A 279 0.10 -21.39 -1.97
C ALA A 279 -0.52 -21.94 -3.26
N LEU A 280 0.19 -22.84 -3.94
CA LEU A 280 -0.34 -23.44 -5.16
C LEU A 280 -1.53 -24.34 -4.86
N LEU A 281 -1.45 -25.11 -3.76
CA LEU A 281 -2.53 -25.99 -3.32
C LEU A 281 -3.83 -25.23 -3.03
N LEU A 282 -3.73 -24.11 -2.33
CA LEU A 282 -4.89 -23.28 -2.01
C LEU A 282 -5.47 -22.56 -3.24
N SER A 283 -4.62 -22.30 -4.24
CA SER A 283 -5.06 -21.84 -5.56
C SER A 283 -5.84 -22.93 -6.28
N ALA A 284 -5.39 -24.18 -6.14
CA ALA A 284 -6.10 -25.33 -6.69
C ALA A 284 -7.43 -25.56 -5.96
N VAL A 285 -7.47 -25.22 -4.67
CA VAL A 285 -8.71 -25.19 -3.88
C VAL A 285 -9.69 -24.15 -4.45
N MET A 286 -9.19 -22.93 -4.71
CA MET A 286 -9.96 -21.87 -5.38
C MET A 286 -10.53 -22.35 -6.71
N MET A 287 -9.71 -23.07 -7.47
CA MET A 287 -10.10 -23.65 -8.76
C MET A 287 -11.28 -24.63 -8.61
N LEU A 288 -11.18 -25.54 -7.64
CA LEU A 288 -12.24 -26.49 -7.33
C LEU A 288 -13.56 -25.81 -7.01
N ARG A 289 -13.50 -24.77 -6.16
CA ARG A 289 -14.67 -23.97 -5.79
C ARG A 289 -15.30 -23.28 -6.98
N HIS A 290 -14.44 -22.76 -7.87
CA HIS A 290 -14.87 -22.16 -9.13
C HIS A 290 -15.51 -23.18 -10.07
N MET A 291 -15.15 -24.46 -9.90
CA MET A 291 -15.68 -25.56 -10.72
C MET A 291 -16.95 -26.20 -10.14
N GLY A 292 -17.28 -25.84 -8.91
CA GLY A 292 -18.47 -26.38 -8.22
C GLY A 292 -18.19 -27.62 -7.40
N LEU A 293 -16.90 -27.94 -7.23
CA LEU A 293 -16.46 -29.14 -6.50
C LEU A 293 -16.13 -28.78 -5.04
N PHE A 294 -17.17 -28.32 -4.34
CA PHE A 294 -17.05 -27.78 -2.99
C PHE A 294 -16.63 -28.79 -1.93
N ASP A 295 -17.11 -30.03 -2.07
CA ASP A 295 -16.82 -31.12 -1.12
C ASP A 295 -15.35 -31.53 -1.17
N HIS A 296 -14.80 -31.63 -2.38
CA HIS A 296 -13.38 -31.88 -2.57
C HIS A 296 -12.51 -30.71 -2.13
N ALA A 297 -12.99 -29.48 -2.39
CA ALA A 297 -12.31 -28.26 -1.96
C ALA A 297 -12.17 -28.19 -0.45
N ALA A 298 -13.29 -28.37 0.25
CA ALA A 298 -13.35 -28.33 1.72
C ALA A 298 -12.42 -29.34 2.39
N ARG A 299 -12.41 -30.57 1.86
CA ARG A 299 -11.59 -31.67 2.39
C ARG A 299 -10.09 -31.44 2.20
N ILE A 300 -9.68 -31.08 0.97
CA ILE A 300 -8.28 -30.74 0.66
C ILE A 300 -7.81 -29.54 1.49
N GLU A 301 -8.69 -28.54 1.61
CA GLU A 301 -8.43 -27.33 2.39
C GLU A 301 -8.21 -27.67 3.87
N ALA A 302 -9.13 -28.45 4.44
CA ALA A 302 -9.07 -28.85 5.85
C ALA A 302 -7.82 -29.70 6.16
N ALA A 303 -7.46 -30.56 5.21
CA ALA A 303 -6.26 -31.41 5.32
C ALA A 303 -4.96 -30.59 5.36
N CYS A 304 -4.90 -29.53 4.57
CA CYS A 304 -3.76 -28.61 4.56
C CYS A 304 -3.67 -27.79 5.85
N PHE A 305 -4.82 -27.28 6.30
CA PHE A 305 -4.92 -26.50 7.54
C PHE A 305 -4.56 -27.32 8.79
N ALA A 306 -5.07 -28.56 8.85
CA ALA A 306 -4.81 -29.48 9.96
C ALA A 306 -3.33 -29.87 10.05
N THR A 307 -2.67 -30.04 8.89
CA THR A 307 -1.23 -30.31 8.81
C THR A 307 -0.42 -29.13 9.35
N ILE A 308 -0.85 -27.91 9.01
CA ILE A 308 -0.20 -26.69 9.50
C ILE A 308 -0.45 -26.48 11.01
N LYS A 309 -1.66 -26.79 11.48
CA LYS A 309 -2.02 -26.63 12.91
C LYS A 309 -1.19 -27.52 13.86
N ASP A 310 -0.99 -28.78 13.48
CA ASP A 310 -0.14 -29.71 14.25
C ASP A 310 1.31 -29.24 14.28
N GLY A 311 1.78 -28.73 13.15
CA GLY A 311 3.06 -28.03 13.05
C GLY A 311 4.31 -28.85 13.31
N LYS A 312 4.21 -30.16 13.09
CA LYS A 312 5.33 -31.08 13.32
C LYS A 312 6.14 -31.40 12.06
N SER A 313 5.59 -31.05 10.89
CA SER A 313 6.23 -31.31 9.60
C SER A 313 6.15 -30.13 8.62
N LEU A 314 6.30 -28.91 9.14
CA LEU A 314 6.26 -27.68 8.35
C LEU A 314 7.53 -27.45 7.53
N THR A 315 7.36 -26.77 6.39
CA THR A 315 8.47 -26.38 5.51
C THR A 315 9.29 -25.22 6.11
N LYS A 316 10.54 -25.12 5.68
CA LYS A 316 11.54 -24.17 6.25
C LYS A 316 11.11 -22.70 6.32
N ASP A 317 10.28 -22.26 5.37
CA ASP A 317 9.78 -20.88 5.32
C ASP A 317 8.78 -20.55 6.45
N LEU A 318 8.05 -21.57 6.91
CA LEU A 318 7.08 -21.41 8.00
C LEU A 318 7.68 -21.63 9.38
N GLY A 319 8.98 -21.94 9.43
CA GLY A 319 9.70 -22.13 10.68
C GLY A 319 10.07 -23.56 11.01
N GLY A 320 9.48 -24.51 10.29
CA GLY A 320 9.75 -25.94 10.46
C GLY A 320 11.09 -26.37 9.89
N ASN A 321 11.41 -27.66 10.09
CA ASN A 321 12.66 -28.25 9.59
C ASN A 321 12.43 -29.25 8.45
N ALA A 322 11.17 -29.61 8.21
CA ALA A 322 10.79 -30.62 7.22
C ALA A 322 10.83 -30.11 5.77
N LYS A 323 10.96 -31.07 4.84
CA LYS A 323 11.02 -30.79 3.40
C LYS A 323 9.65 -30.96 2.73
N CYS A 324 9.54 -30.46 1.49
CA CYS A 324 8.29 -30.39 0.71
C CYS A 324 7.52 -31.71 0.60
N SER A 325 8.22 -32.78 0.23
CA SER A 325 7.61 -34.10 0.02
C SER A 325 7.00 -34.69 1.29
N ASP A 326 7.63 -34.41 2.44
CA ASP A 326 7.13 -34.83 3.76
C ASP A 326 5.84 -34.11 4.11
N PHE A 327 5.87 -32.77 3.95
CA PHE A 327 4.69 -31.90 4.12
C PHE A 327 3.55 -32.35 3.20
N THR A 328 3.88 -32.63 1.94
CA THR A 328 2.95 -33.16 0.94
C THR A 328 2.38 -34.51 1.37
N GLU A 329 3.26 -35.41 1.83
CA GLU A 329 2.87 -36.76 2.28
C GLU A 329 1.88 -36.73 3.44
N GLU A 330 2.09 -35.81 4.39
CA GLU A 330 1.21 -35.70 5.56
C GLU A 330 -0.19 -35.16 5.26
N ILE A 331 -0.31 -34.32 4.22
CA ILE A 331 -1.61 -33.83 3.74
C ILE A 331 -2.36 -34.98 3.03
N CYS A 332 -1.64 -35.76 2.24
CA CYS A 332 -2.17 -36.97 1.58
C CYS A 332 -2.71 -37.98 2.60
N ARG A 333 -1.99 -38.12 3.72
CA ARG A 333 -2.39 -38.95 4.86
C ARG A 333 -3.77 -38.57 5.43
N ARG A 334 -3.94 -37.30 5.74
CA ARG A 334 -5.13 -36.80 6.43
C ARG A 334 -6.36 -36.68 5.54
N VAL A 335 -6.14 -36.48 4.24
CA VAL A 335 -7.22 -36.28 3.27
C VAL A 335 -7.97 -37.59 2.92
N LYS A 336 -7.30 -38.73 3.15
CA LYS A 336 -7.89 -40.06 2.99
C LYS A 336 -9.03 -40.33 3.98
N ASP A 337 -9.01 -39.61 5.11
CA ASP A 337 -10.08 -39.63 6.10
C ASP A 337 -11.10 -38.54 5.78
N ARG B 15 11.11 37.43 18.73
CA ARG B 15 9.80 36.77 18.45
C ARG B 15 9.56 36.52 16.95
N HIS B 16 9.30 35.26 16.60
CA HIS B 16 9.00 34.85 15.22
C HIS B 16 7.51 34.94 14.92
N THR B 17 7.18 35.27 13.67
CA THR B 17 5.81 35.29 13.18
C THR B 17 5.60 34.11 12.23
N VAL B 18 4.61 33.28 12.56
CA VAL B 18 4.36 32.03 11.84
C VAL B 18 2.94 32.01 11.31
N THR B 19 2.80 31.66 10.02
CA THR B 19 1.49 31.43 9.41
C THR B 19 0.81 30.22 10.04
N MET B 20 -0.47 30.38 10.38
CA MET B 20 -1.28 29.25 10.83
C MET B 20 -2.48 29.07 9.93
N ILE B 21 -2.61 27.88 9.35
CA ILE B 21 -3.81 27.50 8.61
C ILE B 21 -4.59 26.54 9.51
N PRO B 22 -5.73 27.00 10.09
CA PRO B 22 -6.50 26.16 11.02
C PRO B 22 -7.01 24.87 10.38
N GLY B 23 -7.48 24.96 9.13
CA GLY B 23 -7.97 23.81 8.40
C GLY B 23 -9.40 23.44 8.74
N ASP B 24 -9.76 22.20 8.39
CA ASP B 24 -11.10 21.66 8.60
C ASP B 24 -11.09 20.56 9.67
N GLY B 25 -12.26 20.03 9.99
CA GLY B 25 -12.42 18.96 10.96
C GLY B 25 -11.89 19.33 12.33
N ILE B 26 -10.95 18.53 12.84
CA ILE B 26 -10.33 18.73 14.17
C ILE B 26 -9.19 19.74 14.17
N GLY B 27 -8.84 20.25 12.99
CA GLY B 27 -7.76 21.23 12.83
C GLY B 27 -7.88 22.47 13.71
N PRO B 28 -8.99 23.25 13.57
CA PRO B 28 -9.14 24.46 14.40
C PRO B 28 -9.02 24.22 15.91
N GLU B 29 -9.67 23.17 16.42
CA GLU B 29 -9.64 22.87 17.86
C GLU B 29 -8.24 22.48 18.35
N LEU B 30 -7.48 21.77 17.50
CA LEU B 30 -6.11 21.41 17.84
C LEU B 30 -5.16 22.60 17.78
N MET B 31 -5.41 23.54 16.87
CA MET B 31 -4.63 24.78 16.78
C MET B 31 -4.74 25.64 18.04
N LEU B 32 -5.95 25.74 18.60
CA LEU B 32 -6.19 26.46 19.85
C LEU B 32 -5.37 25.87 21.00
N HIS B 33 -5.35 24.54 21.09
CA HIS B 33 -4.54 23.82 22.08
C HIS B 33 -3.03 24.05 21.91
N VAL B 34 -2.58 24.17 20.66
CA VAL B 34 -1.17 24.50 20.38
C VAL B 34 -0.85 25.90 20.90
N LYS B 35 -1.70 26.88 20.60
CA LYS B 35 -1.57 28.26 21.08
C LYS B 35 -1.50 28.30 22.61
N SER B 36 -2.36 27.50 23.24
CA SER B 36 -2.42 27.38 24.69
C SER B 36 -1.12 26.83 25.29
N VAL B 37 -0.61 25.74 24.72
CA VAL B 37 0.66 25.13 25.13
C VAL B 37 1.83 26.12 24.94
N PHE B 38 1.80 26.86 23.83
CA PHE B 38 2.82 27.84 23.49
C PHE B 38 2.88 29.04 24.44
N ARG B 39 1.71 29.55 24.84
CA ARG B 39 1.59 30.60 25.86
C ARG B 39 2.20 30.17 27.19
N HIS B 40 1.83 28.96 27.65
CA HIS B 40 2.30 28.42 28.93
C HIS B 40 3.79 28.09 28.96
N ALA B 41 4.36 27.75 27.79
CA ALA B 41 5.79 27.49 27.67
C ALA B 41 6.62 28.75 27.34
N CYS B 42 5.94 29.90 27.26
CA CYS B 42 6.54 31.22 26.95
C CYS B 42 7.28 31.23 25.62
N VAL B 43 6.68 30.59 24.62
CA VAL B 43 7.29 30.43 23.30
C VAL B 43 7.21 31.76 22.53
N PRO B 44 8.37 32.28 22.06
CA PRO B 44 8.39 33.55 21.32
C PRO B 44 7.94 33.38 19.86
N VAL B 45 6.67 32.98 19.69
CA VAL B 45 6.05 32.79 18.39
C VAL B 45 4.65 33.39 18.40
N ASP B 46 4.34 34.18 17.38
CA ASP B 46 3.00 34.72 17.17
C ASP B 46 2.40 34.15 15.90
N PHE B 47 1.18 33.64 16.02
CA PHE B 47 0.48 33.00 14.90
C PHE B 47 -0.41 33.96 14.12
N GLU B 48 -0.10 34.09 12.83
CA GLU B 48 -0.85 34.92 11.89
C GLU B 48 -1.74 34.00 11.03
N GLU B 49 -3.04 34.03 11.31
CA GLU B 49 -3.99 33.09 10.72
C GLU B 49 -4.46 33.46 9.32
N VAL B 50 -4.47 32.46 8.43
CA VAL B 50 -5.14 32.53 7.12
C VAL B 50 -6.01 31.29 6.91
N HIS B 51 -7.15 31.48 6.27
CA HIS B 51 -8.13 30.39 6.11
C HIS B 51 -8.21 29.89 4.67
N VAL B 52 -8.46 28.59 4.55
CA VAL B 52 -8.63 27.92 3.27
C VAL B 52 -9.99 27.21 3.29
N SER B 53 -11.00 27.88 2.71
CA SER B 53 -12.38 27.38 2.68
C SER B 53 -12.63 26.34 1.57
N SER B 54 -13.87 25.87 1.47
CA SER B 54 -14.26 24.82 0.52
C SER B 54 -14.66 25.32 -0.89
N ASN B 55 -14.52 26.62 -1.10
CA ASN B 55 -14.89 27.27 -2.37
C ASN B 55 -14.06 26.79 -3.57
N ALA B 56 -14.72 26.73 -4.74
CA ALA B 56 -14.08 26.35 -6.01
C ALA B 56 -13.05 27.38 -6.48
N ASP B 57 -13.28 28.64 -6.10
CA ASP B 57 -12.35 29.75 -6.33
C ASP B 57 -11.00 29.51 -5.64
N GLU B 58 -9.92 29.82 -6.35
CA GLU B 58 -8.55 29.57 -5.87
C GLU B 58 -7.91 30.72 -5.08
N GLU B 59 -8.66 31.78 -4.83
CA GLU B 59 -8.15 32.99 -4.14
C GLU B 59 -7.66 32.73 -2.71
N ASP B 60 -8.35 31.85 -1.99
CA ASP B 60 -8.00 31.50 -0.60
C ASP B 60 -6.65 30.81 -0.46
N ILE B 61 -6.40 29.81 -1.31
CA ILE B 61 -5.11 29.10 -1.31
C ILE B 61 -3.96 29.97 -1.81
N ARG B 62 -4.24 30.88 -2.74
CA ARG B 62 -3.25 31.83 -3.25
C ARG B 62 -2.83 32.85 -2.19
N ASN B 63 -3.79 33.28 -1.38
CA ASN B 63 -3.53 34.17 -0.24
C ASN B 63 -2.69 33.46 0.82
N ALA B 64 -3.01 32.18 1.06
CA ALA B 64 -2.24 31.33 1.97
C ALA B 64 -0.77 31.19 1.54
N ILE B 65 -0.55 30.90 0.25
CA ILE B 65 0.80 30.84 -0.35
C ILE B 65 1.54 32.17 -0.12
N MET B 66 0.85 33.29 -0.35
CA MET B 66 1.41 34.63 -0.14
C MET B 66 1.87 34.85 1.31
N ALA B 67 1.04 34.43 2.28
CA ALA B 67 1.38 34.51 3.70
C ALA B 67 2.60 33.66 4.08
N ILE B 68 2.75 32.49 3.44
CA ILE B 68 3.92 31.62 3.67
C ILE B 68 5.20 32.26 3.10
N ARG B 69 5.11 32.87 1.92
CA ARG B 69 6.27 33.52 1.30
C ARG B 69 6.88 34.62 2.19
N ARG B 70 6.00 35.35 2.89
CA ARG B 70 6.37 36.40 3.84
C ARG B 70 6.95 35.84 5.15
N ASN B 71 6.25 34.88 5.76
CA ASN B 71 6.66 34.33 7.06
C ASN B 71 7.66 33.18 7.00
N ARG B 72 7.68 32.49 5.86
CA ARG B 72 8.59 31.34 5.57
C ARG B 72 8.27 30.03 6.29
N VAL B 73 7.44 30.10 7.34
CA VAL B 73 7.11 28.94 8.17
C VAL B 73 5.60 28.90 8.42
N ALA B 74 5.02 27.70 8.35
CA ALA B 74 3.61 27.50 8.68
C ALA B 74 3.36 26.27 9.54
N LEU B 75 2.33 26.38 10.38
CA LEU B 75 1.68 25.24 11.02
C LEU B 75 0.26 25.16 10.50
N LYS B 76 -0.16 23.97 10.09
CA LYS B 76 -1.49 23.82 9.50
C LYS B 76 -2.23 22.60 10.01
N GLY B 77 -3.55 22.73 10.08
CA GLY B 77 -4.46 21.58 10.14
C GLY B 77 -4.61 21.02 8.74
N ASN B 78 -5.64 20.21 8.53
CA ASN B 78 -5.82 19.55 7.25
C ASN B 78 -7.02 20.07 6.49
N ILE B 79 -6.85 20.22 5.17
CA ILE B 79 -7.88 20.73 4.30
C ILE B 79 -8.71 19.56 3.77
N GLU B 80 -10.02 19.66 3.97
CA GLU B 80 -10.96 18.70 3.39
C GLU B 80 -10.81 18.63 1.88
N THR B 81 -10.68 17.41 1.38
CA THR B 81 -10.67 17.14 -0.06
C THR B 81 -12.06 16.64 -0.44
N ASN B 82 -12.64 17.25 -1.46
CA ASN B 82 -13.87 16.72 -2.05
C ASN B 82 -13.53 16.07 -3.38
N HIS B 83 -13.58 14.75 -3.40
CA HIS B 83 -13.23 13.95 -4.58
C HIS B 83 -14.41 13.76 -5.57
N ASN B 84 -15.45 14.58 -5.40
CA ASN B 84 -16.61 14.62 -6.29
C ASN B 84 -16.73 15.94 -7.07
N LEU B 85 -15.84 16.88 -6.77
CA LEU B 85 -15.75 18.15 -7.50
C LEU B 85 -15.02 17.97 -8.84
N PRO B 86 -15.34 18.81 -9.86
CA PRO B 86 -14.70 18.73 -11.18
C PRO B 86 -13.15 18.67 -11.15
N PRO B 87 -12.53 17.93 -12.11
CA PRO B 87 -11.06 17.78 -12.20
C PRO B 87 -10.27 19.09 -12.26
N SER B 88 -10.94 20.19 -12.61
CA SER B 88 -10.39 21.55 -12.56
C SER B 88 -10.03 21.98 -11.13
N HIS B 89 -10.78 21.46 -10.15
CA HIS B 89 -10.54 21.71 -8.73
C HIS B 89 -9.43 20.79 -8.21
N LYS B 90 -8.18 21.26 -8.32
CA LYS B 90 -7.01 20.53 -7.80
C LYS B 90 -6.94 20.58 -6.27
N SER B 91 -6.22 19.62 -5.68
CA SER B 91 -6.03 19.53 -4.23
C SER B 91 -5.29 20.76 -3.68
N ARG B 92 -5.86 21.37 -2.65
CA ARG B 92 -5.35 22.63 -2.07
C ARG B 92 -4.02 22.44 -1.36
N ASN B 93 -3.88 21.32 -0.65
CA ASN B 93 -2.64 20.98 0.05
C ASN B 93 -1.48 20.72 -0.93
N ASN B 94 -1.79 20.10 -2.07
CA ASN B 94 -0.78 19.81 -3.09
C ASN B 94 -0.35 21.03 -3.89
N ILE B 95 -1.29 21.96 -4.13
CA ILE B 95 -0.97 23.28 -4.69
C ILE B 95 0.01 24.01 -3.77
N LEU B 96 -0.29 23.99 -2.46
CA LEU B 96 0.58 24.55 -1.43
C LEU B 96 1.98 23.93 -1.46
N ARG B 97 2.04 22.60 -1.60
CA ARG B 97 3.30 21.87 -1.67
C ARG B 97 4.11 22.16 -2.95
N THR B 98 3.45 22.23 -4.10
CA THR B 98 4.13 22.54 -5.37
C THR B 98 4.55 24.00 -5.52
N SER B 99 3.65 24.95 -5.18
CA SER B 99 3.95 26.38 -5.29
C SER B 99 5.10 26.85 -4.42
N LEU B 100 5.21 26.29 -3.21
CA LEU B 100 6.26 26.65 -2.27
C LEU B 100 7.50 25.76 -2.39
N ASP B 101 7.45 24.83 -3.35
CA ASP B 101 8.53 23.87 -3.65
C ASP B 101 9.00 23.13 -2.39
N LEU B 102 8.05 22.56 -1.65
CA LEU B 102 8.36 21.86 -0.40
C LEU B 102 8.66 20.41 -0.74
N TYR B 103 9.85 20.19 -1.29
CA TYR B 103 10.18 18.94 -1.98
C TYR B 103 10.44 17.74 -1.07
N ALA B 104 10.75 18.01 0.19
CA ALA B 104 11.01 16.96 1.17
C ALA B 104 9.89 16.83 2.20
N ASN B 105 9.08 15.79 2.06
CA ASN B 105 8.11 15.43 3.08
C ASN B 105 8.78 14.43 4.03
N VAL B 106 8.83 14.80 5.31
CA VAL B 106 9.52 14.01 6.34
C VAL B 106 8.55 13.60 7.44
N ILE B 107 8.53 12.29 7.72
CA ILE B 107 7.66 11.71 8.74
C ILE B 107 8.50 10.77 9.60
N HIS B 108 8.31 10.87 10.92
CA HIS B 108 9.01 10.04 11.88
C HIS B 108 8.02 9.14 12.62
N CYS B 109 7.99 7.86 12.22
CA CYS B 109 7.17 6.84 12.90
C CYS B 109 8.02 6.10 13.91
N LYS B 110 7.76 6.39 15.19
CA LYS B 110 8.51 5.79 16.30
C LYS B 110 7.57 5.25 17.37
N SER B 111 7.81 4.00 17.77
CA SER B 111 7.07 3.34 18.84
C SER B 111 7.13 4.16 20.12
N LEU B 112 5.95 4.36 20.70
CA LEU B 112 5.82 4.97 22.03
C LEU B 112 5.66 3.84 23.04
N PRO B 113 6.50 3.83 24.11
CA PRO B 113 6.48 2.74 25.11
C PRO B 113 5.09 2.51 25.75
N GLY B 114 4.38 3.60 26.03
CA GLY B 114 3.04 3.54 26.62
C GLY B 114 1.90 3.24 25.66
N VAL B 115 2.16 3.30 24.35
CA VAL B 115 1.16 2.94 23.34
C VAL B 115 1.50 1.56 22.78
N VAL B 116 0.74 0.56 23.23
CA VAL B 116 1.02 -0.83 22.87
C VAL B 116 0.25 -1.20 21.60
N THR B 117 1.01 -1.61 20.59
CA THR B 117 0.49 -2.04 19.29
C THR B 117 0.96 -3.48 19.04
N ARG B 118 0.84 -3.96 17.80
CA ARG B 118 1.27 -5.32 17.45
C ARG B 118 2.78 -5.45 17.26
N HIS B 119 3.48 -4.31 17.17
CA HIS B 119 4.93 -4.29 16.92
C HIS B 119 5.63 -3.32 17.85
N LYS B 120 6.81 -3.73 18.32
CA LYS B 120 7.66 -2.90 19.19
C LYS B 120 8.93 -2.49 18.47
N ASP B 121 9.56 -1.43 18.98
CA ASP B 121 10.89 -0.94 18.55
C ASP B 121 10.96 -0.52 17.07
N ILE B 122 9.88 0.08 16.60
CA ILE B 122 9.86 0.72 15.29
C ILE B 122 10.47 2.11 15.43
N ASP B 123 11.43 2.41 14.56
CA ASP B 123 12.01 3.75 14.47
C ASP B 123 12.36 4.06 13.01
N ILE B 124 11.38 4.60 12.29
CA ILE B 124 11.51 4.85 10.86
C ILE B 124 11.35 6.33 10.51
N LEU B 125 12.34 6.88 9.81
CA LEU B 125 12.25 8.19 9.20
C LEU B 125 11.95 8.03 7.72
N ILE B 126 10.80 8.56 7.27
CA ILE B 126 10.42 8.47 5.87
C ILE B 126 10.59 9.81 5.18
N VAL B 127 11.41 9.82 4.13
CA VAL B 127 11.66 11.01 3.32
C VAL B 127 11.05 10.78 1.92
N ARG B 128 9.94 11.46 1.65
CA ARG B 128 9.22 11.31 0.40
C ARG B 128 9.33 12.56 -0.46
N GLU B 129 9.64 12.36 -1.75
CA GLU B 129 9.61 13.44 -2.74
C GLU B 129 8.20 13.99 -2.80
N ASN B 130 8.09 15.32 -2.85
CA ASN B 130 6.84 16.01 -2.50
C ASN B 130 6.41 17.09 -3.52
N THR B 131 7.02 17.11 -4.70
CA THR B 131 6.68 18.12 -5.74
C THR B 131 6.38 17.53 -7.12
N GLU B 132 6.79 16.28 -7.33
CA GLU B 132 6.80 15.63 -8.63
C GLU B 132 5.92 14.39 -8.57
N GLY B 133 6.10 13.46 -9.50
CA GLY B 133 5.37 12.19 -9.53
C GLY B 133 3.89 12.43 -9.64
N GLU B 134 3.16 11.94 -8.65
CA GLU B 134 1.70 12.05 -8.61
C GLU B 134 1.19 13.49 -8.59
N TYR B 135 1.98 14.41 -8.03
CA TYR B 135 1.61 15.83 -8.01
C TYR B 135 1.82 16.53 -9.36
N SER B 136 2.54 15.87 -10.27
CA SER B 136 2.75 16.38 -11.63
C SER B 136 1.74 15.78 -12.61
N SER B 137 0.85 14.94 -12.11
CA SER B 137 -0.09 14.16 -12.94
C SER B 137 -1.00 15.05 -13.80
N LEU B 138 -1.11 14.67 -15.06
CA LEU B 138 -2.02 15.30 -16.01
C LEU B 138 -2.98 14.23 -16.51
N GLU B 139 -4.27 14.46 -16.34
CA GLU B 139 -5.29 13.55 -16.84
C GLU B 139 -6.05 14.18 -17.99
N HIS B 140 -6.36 13.39 -19.01
CA HIS B 140 -7.23 13.83 -20.10
C HIS B 140 -8.08 12.70 -20.64
N GLU B 141 -9.30 13.05 -21.06
CA GLU B 141 -10.21 12.13 -21.70
C GLU B 141 -10.42 12.61 -23.14
N SER B 142 -9.40 12.39 -23.97
CA SER B 142 -9.45 12.85 -25.37
C SER B 142 -10.25 11.92 -26.27
N VAL B 143 -10.54 10.72 -25.78
CA VAL B 143 -11.47 9.78 -26.41
C VAL B 143 -12.44 9.33 -25.33
N ALA B 144 -13.75 9.45 -25.62
CA ALA B 144 -14.82 9.13 -24.67
C ALA B 144 -14.62 7.77 -24.00
N GLY B 145 -14.66 7.78 -22.66
CA GLY B 145 -14.51 6.57 -21.85
C GLY B 145 -13.09 6.07 -21.67
N VAL B 146 -12.11 6.89 -22.07
CA VAL B 146 -10.69 6.54 -21.96
C VAL B 146 -9.99 7.68 -21.23
N VAL B 147 -9.55 7.42 -20.00
CA VAL B 147 -8.82 8.42 -19.22
C VAL B 147 -7.35 8.05 -19.13
N GLU B 148 -6.51 8.93 -19.68
CA GLU B 148 -5.08 8.76 -19.70
C GLU B 148 -4.41 9.69 -18.70
N SER B 149 -3.46 9.15 -17.93
CA SER B 149 -2.68 9.92 -16.97
C SER B 149 -1.20 9.94 -17.32
N LEU B 150 -0.56 11.08 -17.10
CA LEU B 150 0.82 11.29 -17.49
C LEU B 150 1.62 11.93 -16.34
N LYS B 151 2.58 11.17 -15.81
CA LYS B 151 3.39 11.58 -14.66
C LYS B 151 4.86 11.75 -15.06
N ILE B 152 5.57 12.54 -14.26
CA ILE B 152 6.95 12.93 -14.50
C ILE B 152 7.81 12.52 -13.30
N ILE B 153 8.97 11.91 -13.57
CA ILE B 153 10.07 11.78 -12.60
C ILE B 153 11.30 12.39 -13.28
N THR B 154 12.06 13.21 -12.54
CA THR B 154 13.26 13.86 -13.08
C THR B 154 14.50 13.60 -12.26
N LYS B 155 15.66 13.74 -12.91
CA LYS B 155 16.97 13.62 -12.28
C LYS B 155 17.19 14.69 -11.21
N ALA B 156 16.86 15.94 -11.54
CA ALA B 156 17.06 17.07 -10.63
C ALA B 156 16.29 16.93 -9.32
N LYS B 157 15.02 16.53 -9.39
CA LYS B 157 14.20 16.39 -8.19
C LYS B 157 14.53 15.11 -7.40
N SER B 158 14.85 14.03 -8.12
CA SER B 158 15.30 12.79 -7.49
C SER B 158 16.61 12.95 -6.72
N LEU B 159 17.54 13.72 -7.28
CA LEU B 159 18.84 13.95 -6.64
C LEU B 159 18.71 14.75 -5.37
N ARG B 160 17.87 15.79 -5.38
CA ARG B 160 17.70 16.64 -4.20
C ARG B 160 16.94 15.96 -3.06
N ILE B 161 16.00 15.06 -3.38
CA ILE B 161 15.36 14.25 -2.32
C ILE B 161 16.35 13.25 -1.69
N ALA B 162 17.13 12.57 -2.52
CA ALA B 162 18.17 11.64 -2.07
C ALA B 162 19.22 12.38 -1.25
N GLU B 163 19.66 13.53 -1.79
CA GLU B 163 20.51 14.49 -1.09
C GLU B 163 19.95 14.85 0.30
N TYR B 164 18.64 15.13 0.35
CA TYR B 164 17.99 15.45 1.63
C TYR B 164 18.00 14.29 2.62
N ALA B 165 17.64 13.09 2.16
CA ALA B 165 17.54 11.91 3.02
C ALA B 165 18.87 11.50 3.66
N PHE B 166 19.96 11.58 2.88
CA PHE B 166 21.30 11.24 3.36
C PHE B 166 21.84 12.26 4.36
N LYS B 167 21.65 13.55 4.07
CA LYS B 167 22.01 14.63 4.98
C LYS B 167 21.28 14.48 6.31
N LEU B 168 19.97 14.21 6.24
CA LEU B 168 19.16 13.96 7.45
C LEU B 168 19.66 12.72 8.21
N ALA B 169 19.97 11.64 7.48
CA ALA B 169 20.50 10.42 8.07
C ALA B 169 21.78 10.66 8.85
N GLN B 170 22.75 11.36 8.24
CA GLN B 170 24.04 11.63 8.85
C GLN B 170 23.93 12.57 10.05
N GLU B 171 23.11 13.60 9.93
CA GLU B 171 22.96 14.60 10.99
C GLU B 171 22.15 14.11 12.19
N SER B 172 21.31 13.10 11.98
CA SER B 172 20.50 12.50 13.05
C SER B 172 21.16 11.29 13.71
N GLY B 173 22.39 10.98 13.29
CA GLY B 173 23.10 9.79 13.77
C GLY B 173 22.48 8.48 13.34
N ARG B 174 21.80 8.49 12.19
CA ARG B 174 21.21 7.30 11.58
C ARG B 174 22.29 6.55 10.77
N LYS B 175 22.02 5.30 10.43
CA LYS B 175 23.03 4.42 9.81
C LYS B 175 22.69 3.88 8.40
N LYS B 176 21.40 3.82 8.07
CA LYS B 176 20.96 3.17 6.84
C LYS B 176 19.87 3.96 6.11
N VAL B 177 20.06 4.12 4.81
CA VAL B 177 19.04 4.66 3.92
C VAL B 177 18.61 3.56 2.95
N THR B 178 17.30 3.31 2.90
CA THR B 178 16.68 2.36 1.99
C THR B 178 15.81 3.11 0.97
N ALA B 179 16.18 3.04 -0.31
CA ALA B 179 15.33 3.54 -1.37
C ALA B 179 14.21 2.54 -1.68
N VAL B 180 12.97 3.03 -1.60
CA VAL B 180 11.78 2.24 -1.87
C VAL B 180 11.28 2.69 -3.24
N HIS B 181 11.04 1.72 -4.13
CA HIS B 181 10.85 1.99 -5.56
C HIS B 181 10.11 0.82 -6.23
N LYS B 182 9.76 1.00 -7.51
CA LYS B 182 9.28 -0.10 -8.34
C LYS B 182 10.00 -0.16 -9.70
N ALA B 183 11.34 -0.08 -9.63
CA ALA B 183 12.22 -0.10 -10.81
C ALA B 183 12.20 -1.41 -11.59
N ASN B 184 11.71 -2.48 -10.96
CA ASN B 184 11.45 -3.75 -11.62
C ASN B 184 10.34 -3.66 -12.68
N ILE B 185 9.40 -2.73 -12.48
CA ILE B 185 8.31 -2.48 -13.43
C ILE B 185 8.56 -1.18 -14.21
N MET B 186 8.72 -0.07 -13.49
CA MET B 186 9.00 1.23 -14.08
C MET B 186 10.50 1.40 -14.25
N LYS B 187 11.04 0.71 -15.26
CA LYS B 187 12.48 0.59 -15.48
C LYS B 187 13.19 1.93 -15.70
N LEU B 188 12.55 2.84 -16.43
CA LEU B 188 13.15 4.14 -16.74
C LEU B 188 13.02 5.13 -15.59
N GLY B 189 11.78 5.37 -15.15
CA GLY B 189 11.47 6.37 -14.12
C GLY B 189 12.01 6.04 -12.74
N ASP B 190 11.58 4.91 -12.19
CA ASP B 190 12.06 4.46 -10.88
C ASP B 190 13.52 4.05 -10.92
N GLY B 191 13.97 3.53 -12.07
CA GLY B 191 15.39 3.26 -12.33
C GLY B 191 16.22 4.52 -12.24
N LEU B 192 15.72 5.61 -12.83
CA LEU B 192 16.37 6.94 -12.73
C LEU B 192 16.44 7.42 -11.28
N PHE B 193 15.34 7.27 -10.54
CA PHE B 193 15.30 7.62 -9.12
C PHE B 193 16.34 6.82 -8.33
N LEU B 194 16.35 5.50 -8.56
CA LEU B 194 17.29 4.59 -7.90
C LEU B 194 18.74 4.99 -8.17
N GLN B 195 19.04 5.33 -9.42
CA GLN B 195 20.40 5.73 -9.82
C GLN B 195 20.83 7.06 -9.19
N CYS B 196 19.87 7.98 -9.02
CA CYS B 196 20.11 9.24 -8.30
C CYS B 196 20.44 9.04 -6.82
N CYS B 197 19.79 8.07 -6.18
CA CYS B 197 20.09 7.68 -4.80
C CYS B 197 21.49 7.09 -4.69
N ARG B 198 21.89 6.27 -5.68
CA ARG B 198 23.23 5.68 -5.75
C ARG B 198 24.33 6.73 -5.87
N GLU B 199 24.09 7.73 -6.73
CA GLU B 199 25.02 8.86 -6.89
C GLU B 199 25.26 9.60 -5.58
N VAL B 200 24.18 9.84 -4.83
CA VAL B 200 24.29 10.52 -3.53
C VAL B 200 24.96 9.60 -2.50
N ALA B 201 24.63 8.31 -2.55
CA ALA B 201 25.20 7.29 -1.65
C ALA B 201 26.73 7.25 -1.69
N ALA B 202 27.31 7.46 -2.88
CA ALA B 202 28.76 7.52 -3.09
C ALA B 202 29.45 8.62 -2.28
N ARG B 203 28.72 9.69 -1.98
CA ARG B 203 29.25 10.82 -1.20
C ARG B 203 28.94 10.70 0.30
N TYR B 204 28.31 9.60 0.70
CA TYR B 204 27.98 9.35 2.11
C TYR B 204 28.43 7.96 2.55
N PRO B 205 29.77 7.75 2.66
CA PRO B 205 30.28 6.39 2.93
C PRO B 205 29.98 5.87 4.35
N GLN B 206 29.56 6.73 5.26
CA GLN B 206 29.17 6.29 6.61
C GLN B 206 27.74 5.77 6.71
N ILE B 207 26.93 6.01 5.67
CA ILE B 207 25.56 5.49 5.62
C ILE B 207 25.48 4.30 4.67
N THR B 208 24.96 3.18 5.18
CA THR B 208 24.66 2.00 4.39
C THR B 208 23.50 2.32 3.43
N PHE B 209 23.70 2.06 2.15
CA PHE B 209 22.62 2.24 1.20
C PHE B 209 22.02 0.92 0.71
N GLU B 210 20.70 0.84 0.78
CA GLU B 210 19.98 -0.34 0.34
C GLU B 210 18.79 0.10 -0.51
N ASN B 211 18.19 -0.85 -1.23
CA ASN B 211 16.97 -0.59 -1.96
C ASN B 211 15.98 -1.71 -1.75
N MET B 212 14.68 -1.40 -1.88
CA MET B 212 13.64 -2.41 -1.78
C MET B 212 12.45 -2.06 -2.65
N ILE B 213 11.91 -3.07 -3.32
CA ILE B 213 10.70 -2.93 -4.11
C ILE B 213 9.54 -2.63 -3.15
N VAL B 214 8.73 -1.63 -3.52
CA VAL B 214 7.60 -1.16 -2.70
C VAL B 214 6.67 -2.30 -2.24
N ASP B 215 6.38 -3.23 -3.14
CA ASP B 215 5.61 -4.43 -2.85
C ASP B 215 6.19 -5.22 -1.67
N ASN B 216 7.50 -5.44 -1.72
CA ASN B 216 8.21 -6.18 -0.68
C ASN B 216 8.36 -5.35 0.60
N THR B 217 8.44 -4.02 0.47
CA THR B 217 8.51 -3.11 1.61
C THR B 217 7.26 -3.20 2.49
N THR B 218 6.08 -3.20 1.88
CA THR B 218 4.82 -3.26 2.63
C THR B 218 4.66 -4.58 3.38
N MET B 219 5.09 -5.67 2.73
CA MET B 219 5.08 -7.01 3.32
C MET B 219 6.06 -7.14 4.50
N GLN B 220 7.21 -6.50 4.36
CA GLN B 220 8.21 -6.47 5.43
C GLN B 220 7.76 -5.61 6.60
N LEU B 221 6.99 -4.55 6.30
CA LEU B 221 6.52 -3.62 7.32
C LEU B 221 5.56 -4.24 8.32
N VAL B 222 4.71 -5.16 7.85
CA VAL B 222 3.74 -5.83 8.72
C VAL B 222 4.29 -7.12 9.38
N SER B 223 5.53 -7.48 9.08
CA SER B 223 6.14 -8.65 9.71
C SER B 223 7.40 -8.31 10.51
N ARG B 224 8.30 -7.51 9.93
CA ARG B 224 9.55 -7.14 10.59
C ARG B 224 9.93 -5.66 10.32
N PRO B 225 9.08 -4.69 10.77
CA PRO B 225 9.34 -3.26 10.50
C PRO B 225 10.59 -2.70 11.18
N GLN B 226 11.15 -3.48 12.11
CA GLN B 226 12.36 -3.12 12.87
C GLN B 226 13.62 -2.99 12.01
N GLN B 227 13.61 -3.63 10.83
CA GLN B 227 14.74 -3.59 9.88
C GLN B 227 14.97 -2.23 9.22
N PHE B 228 13.95 -1.37 9.22
CA PHE B 228 14.03 -0.10 8.51
C PHE B 228 14.54 1.01 9.40
N ASP B 229 15.32 1.89 8.79
CA ASP B 229 15.95 3.00 9.47
C ASP B 229 15.46 4.30 8.81
N VAL B 230 16.11 4.72 7.72
CA VAL B 230 15.64 5.84 6.90
C VAL B 230 15.15 5.28 5.57
N MET B 231 13.97 5.73 5.15
CA MET B 231 13.46 5.39 3.82
C MET B 231 13.40 6.63 2.96
N VAL B 232 13.81 6.49 1.70
CA VAL B 232 13.64 7.56 0.72
C VAL B 232 12.85 7.00 -0.46
N MET B 233 11.88 7.77 -0.95
CA MET B 233 11.03 7.30 -2.05
C MET B 233 10.50 8.42 -2.94
N PRO B 234 10.18 8.10 -4.22
CA PRO B 234 9.53 9.09 -5.06
C PRO B 234 8.06 9.29 -4.65
N ASN B 235 7.42 10.26 -5.28
CA ASN B 235 6.04 10.59 -4.96
C ASN B 235 5.08 9.69 -5.74
N LEU B 236 5.09 8.41 -5.38
CA LEU B 236 4.34 7.38 -6.10
C LEU B 236 3.74 6.38 -5.11
N TYR B 237 2.94 5.46 -5.63
CA TYR B 237 2.33 4.36 -4.86
C TYR B 237 1.40 4.87 -3.74
N GLY B 238 0.70 5.97 -4.04
CA GLY B 238 -0.43 6.46 -3.25
C GLY B 238 -0.27 6.72 -1.77
N ASN B 239 0.96 6.99 -1.32
CA ASN B 239 1.30 7.24 0.09
C ASN B 239 1.02 6.02 1.00
N ILE B 240 1.11 4.82 0.41
CA ILE B 240 0.91 3.54 1.11
C ILE B 240 1.88 3.38 2.28
N VAL B 241 3.16 3.55 2.00
CA VAL B 241 4.23 3.31 2.98
C VAL B 241 4.10 4.21 4.22
N ASN B 242 3.89 5.51 4.02
CA ASN B 242 3.72 6.47 5.11
C ASN B 242 2.54 6.06 6.01
N ASN B 243 1.42 5.69 5.40
CA ASN B 243 0.22 5.31 6.13
C ASN B 243 0.30 3.96 6.83
N VAL B 244 0.96 2.98 6.22
CA VAL B 244 1.26 1.70 6.86
C VAL B 244 2.09 1.95 8.13
N CYS B 245 3.17 2.73 7.99
CA CYS B 245 4.07 3.04 9.11
C CYS B 245 3.38 3.82 10.23
N ALA B 246 2.51 4.77 9.85
CA ALA B 246 1.70 5.52 10.80
C ALA B 246 0.78 4.59 11.58
N GLY B 247 0.16 3.65 10.88
CA GLY B 247 -0.71 2.63 11.47
C GLY B 247 -0.01 1.70 12.45
N LEU B 248 1.24 1.33 12.14
CA LEU B 248 2.01 0.37 12.94
C LEU B 248 2.33 0.87 14.36
N VAL B 249 2.52 2.18 14.49
CA VAL B 249 2.92 2.79 15.75
C VAL B 249 1.75 3.34 16.57
N GLY B 250 0.53 3.20 16.05
CA GLY B 250 -0.69 3.58 16.76
C GLY B 250 -1.68 4.49 16.06
N GLY B 251 -1.34 4.96 14.86
CA GLY B 251 -2.30 5.68 14.01
C GLY B 251 -2.12 7.19 13.88
N PRO B 252 -3.08 7.87 13.21
CA PRO B 252 -2.94 9.28 12.82
C PRO B 252 -2.91 10.28 13.97
N GLY B 253 -3.32 9.86 15.16
CA GLY B 253 -3.29 10.72 16.34
C GLY B 253 -1.90 11.01 16.88
N LEU B 254 -0.91 10.24 16.43
CA LEU B 254 0.43 10.25 17.03
C LEU B 254 1.54 10.85 16.17
N VAL B 255 1.45 10.70 14.86
CA VAL B 255 2.59 10.94 13.97
C VAL B 255 2.56 12.32 13.31
N ALA B 256 3.64 13.05 13.51
CA ALA B 256 3.84 14.38 12.95
C ALA B 256 4.52 14.32 11.58
N GLY B 257 4.20 15.29 10.73
CA GLY B 257 4.82 15.43 9.41
C GLY B 257 5.38 16.82 9.18
N ALA B 258 6.40 16.90 8.32
CA ALA B 258 7.04 18.16 7.96
C ALA B 258 7.28 18.25 6.46
N ASN B 259 7.21 19.47 5.93
CA ASN B 259 7.43 19.70 4.50
C ASN B 259 8.47 20.82 4.34
N TYR B 260 9.65 20.44 3.85
CA TYR B 260 10.78 21.37 3.72
C TYR B 260 11.11 21.67 2.26
N GLY B 261 11.29 22.95 1.98
CA GLY B 261 11.90 23.43 0.74
C GLY B 261 13.22 24.08 1.07
N HIS B 262 13.86 24.70 0.07
CA HIS B 262 15.13 25.41 0.28
C HIS B 262 14.97 26.62 1.19
N VAL B 263 13.80 27.28 1.12
CA VAL B 263 13.54 28.49 1.92
C VAL B 263 12.30 28.40 2.83
N TYR B 264 11.28 27.66 2.40
CA TYR B 264 10.02 27.54 3.14
C TYR B 264 9.88 26.21 3.86
N ALA B 265 9.07 26.19 4.92
CA ALA B 265 8.72 24.97 5.65
C ALA B 265 7.30 25.00 6.23
N VAL B 266 6.62 23.87 6.15
CA VAL B 266 5.22 23.74 6.58
C VAL B 266 5.05 22.47 7.41
N PHE B 267 4.45 22.62 8.60
CA PHE B 267 4.32 21.53 9.57
C PHE B 267 2.87 21.17 9.83
N GLU B 268 2.64 19.88 10.09
CA GLU B 268 1.31 19.27 10.03
C GLU B 268 1.35 17.84 10.62
N THR B 269 0.19 17.20 10.69
CA THR B 269 0.10 15.78 11.06
C THR B 269 0.57 14.93 9.86
N ALA B 270 1.11 13.75 10.11
CA ALA B 270 1.62 12.87 9.04
C ALA B 270 0.58 12.54 7.97
N THR B 271 -0.66 12.34 8.40
CA THR B 271 -1.74 11.96 7.48
C THR B 271 -2.73 13.11 7.26
N ARG B 272 -3.51 13.01 6.18
CA ARG B 272 -4.40 14.07 5.72
C ARG B 272 -5.82 14.06 6.29
N ASN B 273 -6.17 13.02 7.06
CA ASN B 273 -7.52 12.86 7.63
C ASN B 273 -7.87 14.10 8.47
N THR B 274 -9.06 14.65 8.23
CA THR B 274 -9.49 15.88 8.94
C THR B 274 -10.18 15.57 10.26
N GLY B 275 -10.63 14.33 10.42
CA GLY B 275 -11.37 13.89 11.61
C GLY B 275 -12.72 14.57 11.76
N LYS B 276 -13.39 14.82 10.63
CA LYS B 276 -14.66 15.54 10.59
C LYS B 276 -15.71 14.98 11.57
N SER B 277 -15.81 13.65 11.64
CA SER B 277 -16.84 12.97 12.43
C SER B 277 -16.62 13.05 13.94
N ILE B 278 -15.39 13.34 14.36
CA ILE B 278 -15.06 13.51 15.78
C ILE B 278 -14.84 14.98 16.18
N ALA B 279 -14.93 15.90 15.22
CA ALA B 279 -14.70 17.33 15.47
C ALA B 279 -15.64 17.92 16.52
N ASN B 280 -15.11 18.83 17.32
CA ASN B 280 -15.86 19.57 18.35
C ASN B 280 -16.47 18.69 19.44
N LYS B 281 -15.78 17.58 19.76
CA LYS B 281 -16.25 16.63 20.74
C LYS B 281 -15.21 16.37 21.84
N ASN B 282 -14.14 17.16 21.83
CA ASN B 282 -13.05 17.12 22.81
C ASN B 282 -12.44 15.71 22.95
N ILE B 283 -12.32 14.99 21.83
CA ILE B 283 -11.73 13.64 21.86
C ILE B 283 -10.50 13.39 20.98
N ALA B 284 -10.25 14.31 20.04
CA ALA B 284 -9.08 14.21 19.15
C ALA B 284 -7.77 14.11 19.93
N ASN B 285 -6.90 13.20 19.48
CA ASN B 285 -5.55 13.06 20.04
C ASN B 285 -4.74 14.31 19.63
N PRO B 286 -4.16 15.02 20.62
CA PRO B 286 -3.38 16.21 20.26
C PRO B 286 -1.90 15.94 19.98
N THR B 287 -1.45 14.70 20.22
CA THR B 287 -0.03 14.33 20.13
C THR B 287 0.64 14.72 18.80
N ALA B 288 0.07 14.25 17.68
CA ALA B 288 0.62 14.49 16.33
C ALA B 288 0.85 15.98 16.07
N THR B 289 -0.21 16.77 16.29
CA THR B 289 -0.18 18.22 16.09
C THR B 289 0.84 18.90 17.00
N LEU B 290 0.90 18.47 18.26
CA LEU B 290 1.87 19.00 19.22
C LEU B 290 3.31 18.70 18.81
N LEU B 291 3.55 17.47 18.37
CA LEU B 291 4.87 17.07 17.87
C LEU B 291 5.24 17.78 16.55
N ALA B 292 4.23 18.09 15.73
CA ALA B 292 4.43 18.88 14.51
C ALA B 292 4.91 20.29 14.85
N SER B 293 4.31 20.90 15.87
CA SER B 293 4.71 22.23 16.34
C SER B 293 6.12 22.23 16.94
N CYS B 294 6.53 21.10 17.50
CA CYS B 294 7.89 20.93 18.01
C CYS B 294 8.95 20.89 16.90
N MET B 295 8.65 20.16 15.82
CA MET B 295 9.52 20.14 14.64
C MET B 295 9.64 21.52 14.02
N MET B 296 8.52 22.26 14.02
CA MET B 296 8.48 23.66 13.61
C MET B 296 9.42 24.52 14.45
N LEU B 297 9.42 24.30 15.76
CA LEU B 297 10.27 25.04 16.69
C LEU B 297 11.76 24.75 16.44
N ASP B 298 12.08 23.48 16.15
CA ASP B 298 13.44 23.09 15.77
C ASP B 298 13.92 23.75 14.48
N HIS B 299 13.05 23.83 13.48
CA HIS B 299 13.33 24.54 12.22
C HIS B 299 13.59 26.03 12.45
N LEU B 300 12.90 26.61 13.43
CA LEU B 300 13.06 28.02 13.79
C LEU B 300 14.29 28.28 14.67
N LYS B 301 15.03 27.21 14.98
CA LYS B 301 16.20 27.23 15.88
C LYS B 301 15.85 27.55 17.35
N LEU B 302 14.58 27.32 17.71
CA LEU B 302 14.11 27.42 19.09
C LEU B 302 14.09 26.03 19.75
N HIS B 303 15.27 25.41 19.78
CA HIS B 303 15.46 24.02 20.23
C HIS B 303 15.04 23.77 21.67
N SER B 304 15.31 24.74 22.56
CA SER B 304 15.00 24.64 23.98
C SER B 304 13.49 24.48 24.24
N TYR B 305 12.70 25.26 23.49
CA TYR B 305 11.24 25.20 23.58
C TYR B 305 10.68 23.90 22.98
N ALA B 306 11.27 23.47 21.86
CA ALA B 306 10.93 22.22 21.21
C ALA B 306 11.15 21.01 22.12
N THR B 307 12.28 21.00 22.83
CA THR B 307 12.65 19.93 23.76
C THR B 307 11.71 19.88 24.98
N SER B 308 11.36 21.04 25.53
CA SER B 308 10.42 21.16 26.65
C SER B 308 9.04 20.58 26.31
N ILE B 309 8.45 21.07 25.21
CA ILE B 309 7.13 20.62 24.77
C ILE B 309 7.15 19.14 24.36
N ARG B 310 8.11 18.73 23.53
CA ARG B 310 8.25 17.33 23.09
C ARG B 310 8.37 16.35 24.25
N LYS B 311 9.23 16.69 25.22
CA LYS B 311 9.40 15.85 26.42
C LYS B 311 8.09 15.72 27.21
N ALA B 312 7.40 16.86 27.38
CA ALA B 312 6.08 16.90 28.03
C ALA B 312 5.05 16.01 27.33
N VAL B 313 5.00 16.08 25.99
CA VAL B 313 4.09 15.26 25.19
C VAL B 313 4.36 13.77 25.39
N LEU B 314 5.63 13.37 25.26
CA LEU B 314 6.02 11.96 25.40
C LEU B 314 5.82 11.42 26.82
N ALA B 315 6.19 12.22 27.82
CA ALA B 315 5.94 11.87 29.23
C ALA B 315 4.44 11.68 29.51
N SER B 316 3.61 12.54 28.92
CA SER B 316 2.16 12.44 29.01
C SER B 316 1.63 11.16 28.38
N MET B 317 2.17 10.82 27.20
CA MET B 317 1.78 9.60 26.49
C MET B 317 2.20 8.31 27.20
N ASP B 318 3.15 8.43 28.14
CA ASP B 318 3.57 7.32 28.98
C ASP B 318 2.49 6.94 30.01
N ASN B 319 1.60 7.89 30.31
CA ASN B 319 0.49 7.69 31.24
C ASN B 319 -0.80 7.40 30.47
N GLU B 320 -1.28 6.16 30.58
CA GLU B 320 -2.45 5.69 29.81
C GLU B 320 -3.79 6.33 30.21
N ASN B 321 -3.84 6.94 31.40
CA ASN B 321 -4.99 7.75 31.82
C ASN B 321 -5.17 9.00 30.97
N MET B 322 -4.08 9.46 30.36
CA MET B 322 -4.11 10.63 29.46
C MET B 322 -4.50 10.28 28.03
N HIS B 323 -4.54 8.99 27.70
CA HIS B 323 -4.83 8.54 26.35
C HIS B 323 -6.25 8.88 25.91
N THR B 324 -6.36 9.26 24.64
CA THR B 324 -7.63 9.57 23.98
C THR B 324 -8.19 8.29 23.31
N PRO B 325 -9.48 8.28 22.88
CA PRO B 325 -10.12 7.04 22.36
C PRO B 325 -9.47 6.35 21.17
N ASP B 326 -8.80 7.12 20.31
CA ASP B 326 -8.11 6.58 19.12
C ASP B 326 -7.03 5.55 19.47
N ILE B 327 -6.48 5.64 20.68
CA ILE B 327 -5.52 4.65 21.17
C ILE B 327 -6.01 3.88 22.41
N GLY B 328 -7.33 3.67 22.48
CA GLY B 328 -7.96 2.85 23.51
C GLY B 328 -8.18 3.51 24.88
N GLY B 329 -7.88 4.79 24.98
CA GLY B 329 -8.04 5.56 26.23
C GLY B 329 -9.40 6.21 26.39
N GLN B 330 -9.60 6.85 27.53
CA GLN B 330 -10.90 7.46 27.87
C GLN B 330 -10.83 8.97 28.11
N GLY B 331 -9.62 9.53 28.03
CA GLY B 331 -9.40 10.96 28.28
C GLY B 331 -9.89 11.86 27.17
N THR B 332 -10.05 13.15 27.49
CA THR B 332 -10.40 14.17 26.53
C THR B 332 -9.13 14.86 26.03
N THR B 333 -9.25 15.63 24.95
CA THR B 333 -8.14 16.44 24.44
C THR B 333 -7.67 17.42 25.50
N SER B 334 -8.61 18.20 26.05
CA SER B 334 -8.31 19.24 27.04
C SER B 334 -7.56 18.68 28.27
N GLU B 335 -7.96 17.49 28.72
CA GLU B 335 -7.27 16.79 29.82
C GLU B 335 -5.83 16.40 29.47
N ALA B 336 -5.62 15.92 28.24
CA ALA B 336 -4.26 15.63 27.75
C ALA B 336 -3.41 16.91 27.64
N ILE B 337 -4.02 17.98 27.13
CA ILE B 337 -3.37 19.30 27.09
C ILE B 337 -3.01 19.78 28.49
N GLN B 338 -3.89 19.54 29.46
CA GLN B 338 -3.64 19.85 30.88
C GLN B 338 -2.39 19.15 31.41
N ASP B 339 -2.24 17.86 31.09
CA ASP B 339 -1.08 17.08 31.53
C ASP B 339 0.21 17.54 30.89
N VAL B 340 0.14 17.88 29.59
CA VAL B 340 1.27 18.43 28.84
C VAL B 340 1.77 19.74 29.49
N ILE B 341 0.85 20.67 29.75
CA ILE B 341 1.15 21.97 30.38
C ILE B 341 1.78 21.77 31.76
N ARG B 342 1.29 20.77 32.49
CA ARG B 342 1.81 20.42 33.82
C ARG B 342 3.27 19.98 33.77
N HIS B 343 3.62 19.12 32.81
CA HIS B 343 5.00 18.67 32.62
C HIS B 343 5.94 19.81 32.20
N ILE B 344 5.44 20.76 31.39
CA ILE B 344 6.20 21.95 30.97
C ILE B 344 6.56 22.84 32.17
N ARG B 345 5.55 23.18 32.98
CA ARG B 345 5.71 24.07 34.16
C ARG B 345 6.67 23.54 35.23
N VAL B 346 6.77 22.21 35.32
CA VAL B 346 7.72 21.51 36.21
C VAL B 346 9.19 21.72 35.80
N ILE B 347 9.42 22.19 34.56
CA ILE B 347 10.77 22.40 34.03
C ILE B 347 11.19 23.88 34.10
MG MG C . 3.54 -7.42 -6.11
PA NAI D . 9.77 -14.49 -5.07
O1A NAI D . 9.81 -15.99 -4.95
O2A NAI D . 8.43 -13.79 -5.21
O5B NAI D . 10.54 -13.88 -3.78
C5B NAI D . 10.05 -14.15 -2.46
C4B NAI D . 11.07 -14.82 -1.52
O4B NAI D . 10.37 -15.74 -0.66
C3B NAI D . 12.18 -15.61 -2.22
O3B NAI D . 13.45 -15.13 -1.75
C2B NAI D . 11.97 -17.08 -1.83
O2B NAI D . 13.15 -17.68 -1.28
C1B NAI D . 10.82 -17.09 -0.82
N9A NAI D . 9.72 -17.93 -1.34
C8A NAI D . 8.89 -17.60 -2.36
N7A NAI D . 7.98 -18.57 -2.59
C5A NAI D . 8.22 -19.57 -1.72
C6A NAI D . 7.61 -20.91 -1.44
N6A NAI D . 6.56 -21.36 -2.16
N1A NAI D . 8.16 -21.65 -0.44
C2A NAI D . 9.21 -21.20 0.29
N3A NAI D . 9.81 -20.01 0.09
C4A NAI D . 9.36 -19.15 -0.89
O3 NAI D . 10.73 -14.13 -6.32
PN NAI D . 10.92 -12.66 -6.98
O1N NAI D . 12.33 -12.20 -6.69
O2N NAI D . 9.75 -11.77 -6.65
O5D NAI D . 10.84 -12.98 -8.56
C5D NAI D . 11.67 -13.96 -9.20
C4D NAI D . 10.96 -14.46 -10.47
O4D NAI D . 9.62 -14.84 -10.16
C3D NAI D . 10.89 -13.38 -11.54
O3D NAI D . 11.44 -13.88 -12.77
C2D NAI D . 9.40 -13.05 -11.69
O2D NAI D . 9.00 -12.84 -13.04
C1D NAI D . 8.71 -14.27 -11.10
N1N NAI D . 7.37 -13.96 -10.55
C2N NAI D . 6.33 -14.59 -11.10
C3N NAI D . 5.01 -14.38 -10.68
C7N NAI D . 3.88 -15.13 -11.37
O7N NAI D . 4.15 -15.97 -12.23
N7N NAI D . 2.61 -14.89 -11.03
C4N NAI D . 4.71 -13.41 -9.55
C5N NAI D . 5.93 -12.79 -9.01
C6N NAI D . 7.19 -13.08 -9.53
PA NAI E . -13.72 10.62 9.90
O1A NAI E . -14.28 11.94 9.42
O2A NAI E . -14.70 9.51 10.20
O5B NAI E . -12.87 10.92 11.25
C5B NAI E . -12.50 9.90 12.18
C4B NAI E . -11.10 9.43 11.80
O4B NAI E . -10.15 10.48 12.00
C3B NAI E . -10.60 8.25 12.61
O3B NAI E . -10.85 7.05 11.89
C2B NAI E . -9.10 8.51 12.79
O2B NAI E . -8.32 7.57 12.05
C1B NAI E . -8.88 9.90 12.21
N9A NAI E . -8.04 10.83 13.02
C8A NAI E . -7.18 11.70 12.44
N7A NAI E . -6.54 12.46 13.36
C5A NAI E . -6.99 12.08 14.56
C6A NAI E . -6.72 12.50 15.97
N6A NAI E . -5.81 13.47 16.24
N1A NAI E . -7.39 11.86 16.95
C2A NAI E . -8.29 10.88 16.69
N3A NAI E . -8.59 10.46 15.44
C4A NAI E . -7.99 11.01 14.35
O3 NAI E . -12.63 10.06 8.85
PN NAI E . -11.41 10.92 8.18
O1N NAI E . -10.74 10.04 7.15
O2N NAI E . -10.58 11.57 9.26
O5D NAI E . -12.17 12.15 7.46
C5D NAI E . -12.67 12.07 6.13
C4D NAI E . -12.25 13.33 5.40
O4D NAI E . -10.84 13.55 5.54
C3D NAI E . -12.54 13.20 3.92
O3D NAI E . -13.79 13.82 3.60
C2D NAI E . -11.35 13.84 3.24
O2D NAI E . -11.62 15.21 2.89
C1D NAI E . -10.22 13.79 4.26
N1N NAI E . -9.21 12.78 3.90
C2N NAI E . -8.25 13.11 2.99
C3N NAI E . -7.25 12.21 2.58
C7N NAI E . -6.21 12.65 1.57
O7N NAI E . -6.29 13.77 1.07
N7N NAI E . -5.22 11.83 1.21
C4N NAI E . -7.21 10.80 3.15
C5N NAI E . -8.28 10.56 4.12
C6N NAI E . -9.23 11.54 4.44
#